data_9C04
# 
_entry.id   9C04 
# 
_audit_conform.dict_name       mmcif_pdbx.dic 
_audit_conform.dict_version    5.407 
_audit_conform.dict_location   http://mmcif.pdb.org/dictionaries/ascii/mmcif_pdbx.dic 
# 
loop_
_database_2.database_id 
_database_2.database_code 
_database_2.pdbx_database_accession 
_database_2.pdbx_DOI 
PDB   9C04         pdb_00009c04 10.2210/pdb9c04/pdb 
WWPDB D_1000284182 ?            ?                   
# 
_pdbx_audit_revision_history.ordinal             1 
_pdbx_audit_revision_history.data_content_type   'Structure model' 
_pdbx_audit_revision_history.major_revision      1 
_pdbx_audit_revision_history.minor_revision      0 
_pdbx_audit_revision_history.revision_date       2025-11-26 
_pdbx_audit_revision_history.part_number         ? 
# 
_pdbx_audit_revision_details.ordinal             1 
_pdbx_audit_revision_details.revision_ordinal    1 
_pdbx_audit_revision_details.data_content_type   'Structure model' 
_pdbx_audit_revision_details.provider            repository 
_pdbx_audit_revision_details.type                'Initial release' 
_pdbx_audit_revision_details.description         ? 
_pdbx_audit_revision_details.details             ? 
# 
_pdbx_database_status.status_code                     REL 
_pdbx_database_status.status_code_sf                  REL 
_pdbx_database_status.status_code_mr                  ? 
_pdbx_database_status.entry_id                        9C04 
_pdbx_database_status.recvd_initial_deposition_date   2024-05-24 
_pdbx_database_status.SG_entry                        N 
_pdbx_database_status.deposit_site                    RCSB 
_pdbx_database_status.process_site                    RCSB 
_pdbx_database_status.status_code_cs                  ? 
_pdbx_database_status.status_code_nmr_data            ? 
_pdbx_database_status.methods_development_category    ? 
_pdbx_database_status.pdb_format_compatible           Y 
# 
_pdbx_contact_author.id                 2 
_pdbx_contact_author.email              andyn@uic.edu 
_pdbx_contact_author.name_first         Andy 
_pdbx_contact_author.name_last          Nguyen 
_pdbx_contact_author.name_mi            I 
_pdbx_contact_author.role               'principal investigator/group leader' 
_pdbx_contact_author.identifier_ORCID   0000-0003-4137-6453 
# 
_audit_author.name               'Heinz-Kunert, S.L.' 
_audit_author.pdbx_ordinal       1 
_audit_author.identifier_ORCID   0009-0002-5884-1294 
# 
_citation.abstract                  ? 
_citation.abstract_id_CAS           ? 
_citation.book_id_ISBN              ? 
_citation.book_publisher            ? 
_citation.book_publisher_city       ? 
_citation.book_title                ? 
_citation.coordinate_linkage        ? 
_citation.country                   ? 
_citation.database_id_Medline       ? 
_citation.details                   ? 
_citation.id                        primary 
_citation.journal_abbrev            'To Be Published' 
_citation.journal_id_ASTM           ? 
_citation.journal_id_CSD            0353 
_citation.journal_id_ISSN           ? 
_citation.journal_full              ? 
_citation.journal_issue             ? 
_citation.journal_volume            ? 
_citation.language                  ? 
_citation.page_first                ? 
_citation.page_last                 ? 
_citation.title                     'Evolvable conformational diversity in assemblies of short peptides' 
_citation.year                      ? 
_citation.database_id_CSD           ? 
_citation.pdbx_database_id_DOI      ? 
_citation.pdbx_database_id_PubMed   ? 
_citation.pdbx_database_id_patent   ? 
_citation.unpublished_flag          ? 
# 
loop_
_citation_author.citation_id 
_citation_author.name 
_citation_author.ordinal 
_citation_author.identifier_ORCID 
primary 'Heinz-Kunert, S.L.' 1 0009-0002-5884-1294 
primary 'Nguyen, A.I.'       2 0000-0003-4137-6453 
# 
loop_
_entity.id 
_entity.type 
_entity.src_method 
_entity.pdbx_description 
_entity.formula_weight 
_entity.pdbx_number_of_molecules 
_entity.pdbx_ec 
_entity.pdbx_mutation 
_entity.pdbx_fragment 
_entity.details 
1 polymer     syn UIC-1                                                   897.114 1 ? ? ? ? 
2 non-polymer syn "5'-(hydrazinecarbonyl)[2,2'-bipyridine]-5-carboxamide" 257.248 1 ? ? ? ? 
3 non-polymer syn 
;ethyl 5'-formyl[2,2'-bipyridine]-5-carboxylate
;
272.256 1 ? ? ? ? 
4 non-polymer syn PHENYLETHANE                                            106.165 2 ? ? ? ? 
5 non-polymer syn PARA-XYLENE                                             106.165 2 ? ? ? ? 
6 non-polymer syn TOLUENE                                                 92.138  2 ? ? ? ? 
7 water       nat water                                                   18.015  1 ? ? ? ? 
# 
_entity_poly.entity_id                      1 
_entity_poly.type                           'polypeptide(L)' 
_entity_poly.nstd_linkage                   no 
_entity_poly.nstd_monomer                   yes 
_entity_poly.pdbx_seq_one_letter_code       'L(AIB)A(AIB)L(AIB)Q(AIB)L' 
_entity_poly.pdbx_seq_one_letter_code_can   LAAALAQAL 
_entity_poly.pdbx_strand_id                 A 
_entity_poly.pdbx_target_identifier         ? 
# 
loop_
_pdbx_entity_nonpoly.entity_id 
_pdbx_entity_nonpoly.name 
_pdbx_entity_nonpoly.comp_id 
2 "5'-(hydrazinecarbonyl)[2,2'-bipyridine]-5-carboxamide" I77 
3 
;ethyl 5'-formyl[2,2'-bipyridine]-5-carboxylate
;
I6W 
4 PHENYLETHANE                                            PYJ 
5 PARA-XYLENE                                             PXY 
6 TOLUENE                                                 MBN 
7 water                                                   HOH 
# 
loop_
_entity_poly_seq.entity_id 
_entity_poly_seq.num 
_entity_poly_seq.mon_id 
_entity_poly_seq.hetero 
1 1 LEU n 
1 2 AIB n 
1 3 ALA n 
1 4 AIB n 
1 5 LEU n 
1 6 AIB n 
1 7 GLN n 
1 8 AIB n 
1 9 LEU n 
# 
_pdbx_entity_src_syn.entity_id              1 
_pdbx_entity_src_syn.pdbx_src_id            1 
_pdbx_entity_src_syn.pdbx_alt_source_flag   sample 
_pdbx_entity_src_syn.pdbx_beg_seq_num       1 
_pdbx_entity_src_syn.pdbx_end_seq_num       9 
_pdbx_entity_src_syn.organism_scientific    'synthetic construct' 
_pdbx_entity_src_syn.organism_common_name   ? 
_pdbx_entity_src_syn.ncbi_taxonomy_id       32630 
_pdbx_entity_src_syn.details                ? 
# 
loop_
_chem_comp.id 
_chem_comp.type 
_chem_comp.mon_nstd_flag 
_chem_comp.name 
_chem_comp.pdbx_synonyms 
_chem_comp.formula 
_chem_comp.formula_weight 
AIB 'L-peptide linking' n 'ALPHA-AMINOISOBUTYRIC ACID'                            ? 'C4 H9 N O2'    103.120 
ALA 'L-peptide linking' y ALANINE                                                 ? 'C3 H7 N O2'    89.093  
GLN 'L-peptide linking' y GLUTAMINE                                               ? 'C5 H10 N2 O3'  146.144 
HOH non-polymer         . WATER                                                   ? 'H2 O'          18.015  
I6W non-polymer         . 
;ethyl 5'-formyl[2,2'-bipyridine]-5-carboxylate
;
? 'C14 H12 N2 O4' 272.256 
I77 non-polymer         . "5'-(hydrazinecarbonyl)[2,2'-bipyridine]-5-carboxamide" ? 'C12 H11 N5 O2' 257.248 
LEU 'L-peptide linking' y LEUCINE                                                 ? 'C6 H13 N O2'   131.173 
MBN non-polymer         . TOLUENE                                                 ? 'C7 H8'         92.138  
PXY non-polymer         . PARA-XYLENE                                             ? 'C8 H10'        106.165 
PYJ non-polymer         . PHENYLETHANE                                            ? 'C8 H10'        106.165 
# 
loop_
_pdbx_poly_seq_scheme.asym_id 
_pdbx_poly_seq_scheme.entity_id 
_pdbx_poly_seq_scheme.seq_id 
_pdbx_poly_seq_scheme.mon_id 
_pdbx_poly_seq_scheme.ndb_seq_num 
_pdbx_poly_seq_scheme.pdb_seq_num 
_pdbx_poly_seq_scheme.auth_seq_num 
_pdbx_poly_seq_scheme.pdb_mon_id 
_pdbx_poly_seq_scheme.auth_mon_id 
_pdbx_poly_seq_scheme.pdb_strand_id 
_pdbx_poly_seq_scheme.pdb_ins_code 
_pdbx_poly_seq_scheme.hetero 
A 1 1 LEU 1 2  2  LEU LEU A . n 
A 1 2 AIB 2 3  3  AIB AIB A . n 
A 1 3 ALA 3 4  4  ALA ALA A . n 
A 1 4 AIB 4 5  5  AIB AIB A . n 
A 1 5 LEU 5 6  6  LEU LEU A . n 
A 1 6 AIB 6 7  7  AIB AIB A . n 
A 1 7 GLN 7 8  8  GLN GLN A . n 
A 1 8 AIB 8 9  9  AIB AIB A . n 
A 1 9 LEU 9 10 10 LEU LEU A . n 
# 
loop_
_pdbx_entity_instance_feature.ordinal 
_pdbx_entity_instance_feature.comp_id 
_pdbx_entity_instance_feature.asym_id 
_pdbx_entity_instance_feature.seq_num 
_pdbx_entity_instance_feature.auth_comp_id 
_pdbx_entity_instance_feature.auth_asym_id 
_pdbx_entity_instance_feature.auth_seq_num 
_pdbx_entity_instance_feature.feature_type 
_pdbx_entity_instance_feature.details 
1 I77 ? ? I77 ? ? 'SUBJECT OF INVESTIGATION' ? 
2 I6W ? ? I6W ? ? 'SUBJECT OF INVESTIGATION' ? 
3 PYJ ? ? PYJ ? ? 'SUBJECT OF INVESTIGATION' ? 
4 PXY ? ? PXY ? ? 'SUBJECT OF INVESTIGATION' ? 
5 MBN ? ? MBN ? ? 'SUBJECT OF INVESTIGATION' ? 
6 AIB ? ? AIB ? ? 'SUBJECT OF INVESTIGATION' ? 
# 
loop_
_pdbx_nonpoly_scheme.asym_id 
_pdbx_nonpoly_scheme.entity_id 
_pdbx_nonpoly_scheme.mon_id 
_pdbx_nonpoly_scheme.ndb_seq_num 
_pdbx_nonpoly_scheme.pdb_seq_num 
_pdbx_nonpoly_scheme.auth_seq_num 
_pdbx_nonpoly_scheme.pdb_mon_id 
_pdbx_nonpoly_scheme.auth_mon_id 
_pdbx_nonpoly_scheme.pdb_strand_id 
_pdbx_nonpoly_scheme.pdb_ins_code 
B 2 I77 1 101 11 I77 BPH A . 
C 3 I6W 1 102 1  I6W BPE A . 
D 4 PYJ 1 103 1  PYJ PYJ A . 
E 5 PXY 1 104 2  PXY PXY A . 
F 6 MBN 1 105 3  MBN MBN A . 
G 5 PXY 1 106 4  PXY PXY A . 
H 6 MBN 1 107 5  MBN MBN A . 
I 4 PYJ 1 108 6  PYJ PYJ A . 
J 7 HOH 1 201 7  HOH HOH A . 
# 
loop_
_software.citation_id 
_software.classification 
_software.compiler_name 
_software.compiler_version 
_software.contact_author 
_software.contact_author_email 
_software.date 
_software.description 
_software.dependencies 
_software.hardware 
_software.language 
_software.location 
_software.mods 
_software.name 
_software.os 
_software.os_version 
_software.type 
_software.version 
_software.pdbx_ordinal 
? refinement       ? ? ? ? ? ? ? ? ? ? ? PHENIX ? ? ? 1.20.1_4487 1 
? 'data reduction' ? ? ? ? ? ? ? ? ? ? ? X-GEN  ? ? ? .           2 
? 'data scaling'   ? ? ? ? ? ? ? ? ? ? ? XDS    ? ? ? .           3 
? phasing          ? ? ? ? ? ? ? ? ? ? ? PHASER ? ? ? .           4 
# 
_cell.angle_alpha                  90.000 
_cell.angle_alpha_esd              ? 
_cell.angle_beta                   101.510 
_cell.angle_beta_esd               ? 
_cell.angle_gamma                  90.000 
_cell.angle_gamma_esd              ? 
_cell.entry_id                     9C04 
_cell.details                      ? 
_cell.formula_units_Z              ? 
_cell.length_a                     13.905 
_cell.length_a_esd                 ? 
_cell.length_b                     13.424 
_cell.length_b_esd                 ? 
_cell.length_c                     28.803 
_cell.length_c_esd                 ? 
_cell.volume                       5268.269 
_cell.volume_esd                   ? 
_cell.Z_PDB                        2 
_cell.reciprocal_angle_alpha       ? 
_cell.reciprocal_angle_beta        ? 
_cell.reciprocal_angle_gamma       ? 
_cell.reciprocal_angle_alpha_esd   ? 
_cell.reciprocal_angle_beta_esd    ? 
_cell.reciprocal_angle_gamma_esd   ? 
_cell.reciprocal_length_a          ? 
_cell.reciprocal_length_b          ? 
_cell.reciprocal_length_c          ? 
_cell.reciprocal_length_a_esd      ? 
_cell.reciprocal_length_b_esd      ? 
_cell.reciprocal_length_c_esd      ? 
_cell.pdbx_unique_axis             ? 
_cell.pdbx_esd_method              ? 
# 
_symmetry.entry_id                         9C04 
_symmetry.cell_setting                     ? 
_symmetry.Int_Tables_number                4 
_symmetry.space_group_name_Hall            'P 2yb' 
_symmetry.space_group_name_H-M             'P 1 21 1' 
_symmetry.pdbx_full_space_group_name_H-M   ? 
# 
_exptl.absorpt_coefficient_mu     ? 
_exptl.absorpt_correction_T_max   ? 
_exptl.absorpt_correction_T_min   ? 
_exptl.absorpt_correction_type    ? 
_exptl.absorpt_process_details    ? 
_exptl.entry_id                   9C04 
_exptl.crystals_number            1 
_exptl.details                    ? 
_exptl.method                     'X-RAY DIFFRACTION' 
_exptl.method_details             ? 
# 
_exptl_crystal.colour                       ? 
_exptl_crystal.density_diffrn               ? 
_exptl_crystal.density_Matthews             1.49 
_exptl_crystal.density_method               ? 
_exptl_crystal.density_percent_sol          17.43 
_exptl_crystal.description                  ? 
_exptl_crystal.F_000                        ? 
_exptl_crystal.id                           1 
_exptl_crystal.preparation                  ? 
_exptl_crystal.size_max                     ? 
_exptl_crystal.size_mid                     ? 
_exptl_crystal.size_min                     ? 
_exptl_crystal.size_rad                     ? 
_exptl_crystal.colour_lustre                ? 
_exptl_crystal.colour_modifier              ? 
_exptl_crystal.colour_primary               ? 
_exptl_crystal.density_meas                 ? 
_exptl_crystal.density_meas_esd             ? 
_exptl_crystal.density_meas_gt              ? 
_exptl_crystal.density_meas_lt              ? 
_exptl_crystal.density_meas_temp            ? 
_exptl_crystal.density_meas_temp_esd        ? 
_exptl_crystal.density_meas_temp_gt         ? 
_exptl_crystal.density_meas_temp_lt         ? 
_exptl_crystal.pdbx_crystal_image_url       ? 
_exptl_crystal.pdbx_crystal_image_format    ? 
_exptl_crystal.pdbx_mosaicity               ? 
_exptl_crystal.pdbx_mosaicity_esd           ? 
_exptl_crystal.pdbx_mosaic_method           ? 
_exptl_crystal.pdbx_mosaic_block_size       ? 
_exptl_crystal.pdbx_mosaic_block_size_esd   ? 
# 
_exptl_crystal_grow.apparatus       ? 
_exptl_crystal_grow.atmosphere      ? 
_exptl_crystal_grow.crystal_id      1 
_exptl_crystal_grow.details         ? 
_exptl_crystal_grow.method          'SLOW COOLING' 
_exptl_crystal_grow.method_ref      ? 
_exptl_crystal_grow.pH              ? 
_exptl_crystal_grow.pressure        ? 
_exptl_crystal_grow.pressure_esd    ? 
_exptl_crystal_grow.seeding         ? 
_exptl_crystal_grow.seeding_ref     ? 
_exptl_crystal_grow.temp_details    ? 
_exptl_crystal_grow.temp_esd        ? 
_exptl_crystal_grow.time            ? 
_exptl_crystal_grow.pdbx_details    'acetonitrile and water' 
_exptl_crystal_grow.pdbx_pH_range   ? 
_exptl_crystal_grow.temp            298 
# 
_diffrn.ambient_environment              ? 
_diffrn.ambient_temp                     100 
_diffrn.ambient_temp_details             ? 
_diffrn.ambient_temp_esd                 ? 
_diffrn.crystal_id                       1 
_diffrn.crystal_support                  ? 
_diffrn.crystal_treatment                ? 
_diffrn.details                          ? 
_diffrn.id                               1 
_diffrn.ambient_pressure                 ? 
_diffrn.ambient_pressure_esd             ? 
_diffrn.ambient_pressure_gt              ? 
_diffrn.ambient_pressure_lt              ? 
_diffrn.ambient_temp_gt                  ? 
_diffrn.ambient_temp_lt                  ? 
_diffrn.pdbx_serial_crystal_experiment   N 
# 
_diffrn_detector.details                      ? 
_diffrn_detector.detector                     PIXEL 
_diffrn_detector.diffrn_id                    1 
_diffrn_detector.type                         'DECTRIS EIGER X 9M' 
_diffrn_detector.area_resol_mean              ? 
_diffrn_detector.dtime                        ? 
_diffrn_detector.pdbx_frames_total            ? 
_diffrn_detector.pdbx_collection_time_total   ? 
_diffrn_detector.pdbx_collection_date         2024-05-11 
_diffrn_detector.pdbx_frequency               ? 
_diffrn_detector.id                           ? 
_diffrn_detector.number_of_axes               ? 
# 
_diffrn_radiation.collimation                      ? 
_diffrn_radiation.diffrn_id                        1 
_diffrn_radiation.filter_edge                      ? 
_diffrn_radiation.inhomogeneity                    ? 
_diffrn_radiation.monochromator                    ? 
_diffrn_radiation.polarisn_norm                    ? 
_diffrn_radiation.polarisn_ratio                   ? 
_diffrn_radiation.probe                            ? 
_diffrn_radiation.type                             ? 
_diffrn_radiation.xray_symbol                      ? 
_diffrn_radiation.wavelength_id                    1 
_diffrn_radiation.pdbx_monochromatic_or_laue_m_l   M 
_diffrn_radiation.pdbx_wavelength_list             ? 
_diffrn_radiation.pdbx_wavelength                  ? 
_diffrn_radiation.pdbx_diffrn_protocol             'SINGLE WAVELENGTH' 
_diffrn_radiation.pdbx_analyzer                    ? 
_diffrn_radiation.pdbx_scattering_type             x-ray 
# 
_diffrn_radiation_wavelength.id           1 
_diffrn_radiation_wavelength.wavelength   0.688801 
_diffrn_radiation_wavelength.wt           1.0 
# 
_diffrn_source.current                     ? 
_diffrn_source.details                     ? 
_diffrn_source.diffrn_id                   1 
_diffrn_source.power                       ? 
_diffrn_source.size                        ? 
_diffrn_source.source                      SYNCHROTRON 
_diffrn_source.target                      ? 
_diffrn_source.type                        'MAX IV BEAMLINE BioMAX' 
_diffrn_source.voltage                     ? 
_diffrn_source.take-off_angle              ? 
_diffrn_source.pdbx_wavelength_list        0.688801 
_diffrn_source.pdbx_wavelength             ? 
_diffrn_source.pdbx_synchrotron_beamline   BioMAX 
_diffrn_source.pdbx_synchrotron_site       'MAX IV' 
# 
_reflns.B_iso_Wilson_estimate                          7.28 
_reflns.entry_id                                       9C04 
_reflns.data_reduction_details                         ? 
_reflns.data_reduction_method                          ? 
_reflns.d_resolution_high                              0.94 
_reflns.d_resolution_low                               13.63 
_reflns.details                                        ? 
_reflns.limit_h_max                                    ? 
_reflns.limit_h_min                                    ? 
_reflns.limit_k_max                                    ? 
_reflns.limit_k_min                                    ? 
_reflns.limit_l_max                                    ? 
_reflns.limit_l_min                                    ? 
_reflns.number_all                                     ? 
_reflns.number_obs                                     6805 
_reflns.observed_criterion                             ? 
_reflns.observed_criterion_F_max                       ? 
_reflns.observed_criterion_F_min                       ? 
_reflns.observed_criterion_I_max                       ? 
_reflns.observed_criterion_I_min                       ? 
_reflns.observed_criterion_sigma_F                     ? 
_reflns.observed_criterion_sigma_I                     ? 
_reflns.percent_possible_obs                           97.10 
_reflns.R_free_details                                 ? 
_reflns.Rmerge_F_all                                   ? 
_reflns.Rmerge_F_obs                                   ? 
_reflns.Friedel_coverage                               ? 
_reflns.number_gt                                      ? 
_reflns.threshold_expression                           ? 
_reflns.pdbx_redundancy                                6.5 
_reflns.pdbx_netI_over_av_sigmaI                       ? 
_reflns.pdbx_netI_over_sigmaI                          48.63 
_reflns.pdbx_res_netI_over_av_sigmaI_2                 ? 
_reflns.pdbx_res_netI_over_sigmaI_2                    ? 
_reflns.pdbx_chi_squared                               ? 
_reflns.pdbx_scaling_rejects                           ? 
_reflns.pdbx_d_res_high_opt                            ? 
_reflns.pdbx_d_res_low_opt                             ? 
_reflns.pdbx_d_res_opt_method                          ? 
_reflns.phase_calculation_details                      ? 
_reflns.pdbx_Rrim_I_all                                ? 
_reflns.pdbx_Rpim_I_all                                ? 
_reflns.pdbx_d_opt                                     ? 
_reflns.pdbx_number_measured_all                       ? 
_reflns.pdbx_diffrn_id                                 1 
_reflns.pdbx_ordinal                                   1 
_reflns.pdbx_CC_half                                   0.999 
_reflns.pdbx_CC_star                                   ? 
_reflns.pdbx_R_split                                   ? 
_reflns.pdbx_Rmerge_I_obs                              ? 
_reflns.pdbx_Rmerge_I_all                              ? 
_reflns.pdbx_Rsym_value                                ? 
_reflns.pdbx_CC_split_method                           ? 
_reflns.pdbx_aniso_diffraction_limit_axis_1_ortho[1]   ? 
_reflns.pdbx_aniso_diffraction_limit_axis_1_ortho[2]   ? 
_reflns.pdbx_aniso_diffraction_limit_axis_1_ortho[3]   ? 
_reflns.pdbx_aniso_diffraction_limit_axis_2_ortho[1]   ? 
_reflns.pdbx_aniso_diffraction_limit_axis_2_ortho[2]   ? 
_reflns.pdbx_aniso_diffraction_limit_axis_2_ortho[3]   ? 
_reflns.pdbx_aniso_diffraction_limit_axis_3_ortho[1]   ? 
_reflns.pdbx_aniso_diffraction_limit_axis_3_ortho[2]   ? 
_reflns.pdbx_aniso_diffraction_limit_axis_3_ortho[3]   ? 
_reflns.pdbx_aniso_diffraction_limit_1                 ? 
_reflns.pdbx_aniso_diffraction_limit_2                 ? 
_reflns.pdbx_aniso_diffraction_limit_3                 ? 
_reflns.pdbx_aniso_B_tensor_eigenvector_1_ortho[1]     ? 
_reflns.pdbx_aniso_B_tensor_eigenvector_1_ortho[2]     ? 
_reflns.pdbx_aniso_B_tensor_eigenvector_1_ortho[3]     ? 
_reflns.pdbx_aniso_B_tensor_eigenvector_2_ortho[1]     ? 
_reflns.pdbx_aniso_B_tensor_eigenvector_2_ortho[2]     ? 
_reflns.pdbx_aniso_B_tensor_eigenvector_2_ortho[3]     ? 
_reflns.pdbx_aniso_B_tensor_eigenvector_3_ortho[1]     ? 
_reflns.pdbx_aniso_B_tensor_eigenvector_3_ortho[2]     ? 
_reflns.pdbx_aniso_B_tensor_eigenvector_3_ortho[3]     ? 
_reflns.pdbx_aniso_B_tensor_eigenvalue_1               ? 
_reflns.pdbx_aniso_B_tensor_eigenvalue_2               ? 
_reflns.pdbx_aniso_B_tensor_eigenvalue_3               ? 
_reflns.pdbx_orthogonalization_convention              ? 
_reflns.pdbx_percent_possible_ellipsoidal              ? 
_reflns.pdbx_percent_possible_spherical                ? 
_reflns.pdbx_percent_possible_ellipsoidal_anomalous    ? 
_reflns.pdbx_percent_possible_spherical_anomalous      ? 
_reflns.pdbx_redundancy_anomalous                      ? 
_reflns.pdbx_CC_half_anomalous                         ? 
_reflns.pdbx_absDiff_over_sigma_anomalous              ? 
_reflns.pdbx_percent_possible_anomalous                ? 
_reflns.pdbx_observed_signal_threshold                 ? 
_reflns.pdbx_signal_type                               ? 
_reflns.pdbx_signal_details                            ? 
_reflns.pdbx_signal_software_id                        ? 
# 
_reflns_shell.d_res_high                                    0.94 
_reflns_shell.d_res_low                                     0.9736 
_reflns_shell.meanI_over_sigI_all                           ? 
_reflns_shell.meanI_over_sigI_obs                           ? 
_reflns_shell.number_measured_all                           ? 
_reflns_shell.number_measured_obs                           ? 
_reflns_shell.number_possible                               ? 
_reflns_shell.number_unique_all                             ? 
_reflns_shell.number_unique_obs                             676 
_reflns_shell.percent_possible_obs                          ? 
_reflns_shell.Rmerge_F_all                                  ? 
_reflns_shell.Rmerge_F_obs                                  ? 
_reflns_shell.meanI_over_sigI_gt                            ? 
_reflns_shell.meanI_over_uI_all                             ? 
_reflns_shell.meanI_over_uI_gt                              ? 
_reflns_shell.number_measured_gt                            ? 
_reflns_shell.number_unique_gt                              ? 
_reflns_shell.percent_possible_gt                           ? 
_reflns_shell.Rmerge_F_gt                                   ? 
_reflns_shell.Rmerge_I_gt                                   ? 
_reflns_shell.pdbx_redundancy                               ? 
_reflns_shell.pdbx_chi_squared                              ? 
_reflns_shell.pdbx_netI_over_sigmaI_all                     ? 
_reflns_shell.pdbx_netI_over_sigmaI_obs                     ? 
_reflns_shell.pdbx_Rrim_I_all                               ? 
_reflns_shell.pdbx_Rpim_I_all                               ? 
_reflns_shell.pdbx_rejects                                  ? 
_reflns_shell.pdbx_ordinal                                  1 
_reflns_shell.pdbx_diffrn_id                                1 
_reflns_shell.pdbx_CC_half                                  0.998 
_reflns_shell.pdbx_CC_star                                  0.08996 
_reflns_shell.pdbx_R_split                                  ? 
_reflns_shell.percent_possible_all                          ? 
_reflns_shell.Rmerge_I_all                                  ? 
_reflns_shell.Rmerge_I_obs                                  0.08306 
_reflns_shell.pdbx_Rsym_value                               ? 
_reflns_shell.pdbx_percent_possible_ellipsoidal             ? 
_reflns_shell.pdbx_percent_possible_spherical               ? 
_reflns_shell.pdbx_percent_possible_ellipsoidal_anomalous   ? 
_reflns_shell.pdbx_percent_possible_spherical_anomalous     ? 
_reflns_shell.pdbx_redundancy_anomalous                     ? 
_reflns_shell.pdbx_CC_half_anomalous                        ? 
_reflns_shell.pdbx_absDiff_over_sigma_anomalous             ? 
_reflns_shell.pdbx_percent_possible_anomalous               ? 
# 
_refine.aniso_B[1][1]                            ? 
_refine.aniso_B[1][2]                            ? 
_refine.aniso_B[1][3]                            ? 
_refine.aniso_B[2][2]                            ? 
_refine.aniso_B[2][3]                            ? 
_refine.aniso_B[3][3]                            ? 
_refine.B_iso_max                                ? 
_refine.B_iso_mean                               11.20 
_refine.B_iso_min                                ? 
_refine.correlation_coeff_Fo_to_Fc               ? 
_refine.correlation_coeff_Fo_to_Fc_free          ? 
_refine.details                                  ? 
_refine.diff_density_max                         ? 
_refine.diff_density_max_esd                     ? 
_refine.diff_density_min                         ? 
_refine.diff_density_min_esd                     ? 
_refine.diff_density_rms                         ? 
_refine.diff_density_rms_esd                     ? 
_refine.entry_id                                 9C04 
_refine.pdbx_refine_id                           'X-RAY DIFFRACTION' 
_refine.ls_abs_structure_details                 ? 
_refine.ls_abs_structure_Flack                   ? 
_refine.ls_abs_structure_Flack_esd               ? 
_refine.ls_abs_structure_Rogers                  ? 
_refine.ls_abs_structure_Rogers_esd              ? 
_refine.ls_d_res_high                            0.94 
_refine.ls_d_res_low                             13.63 
_refine.ls_extinction_coef                       ? 
_refine.ls_extinction_coef_esd                   ? 
_refine.ls_extinction_expression                 ? 
_refine.ls_extinction_method                     ? 
_refine.ls_goodness_of_fit_all                   ? 
_refine.ls_goodness_of_fit_all_esd               ? 
_refine.ls_goodness_of_fit_obs                   ? 
_refine.ls_goodness_of_fit_obs_esd               ? 
_refine.ls_hydrogen_treatment                    ? 
_refine.ls_matrix_type                           ? 
_refine.ls_number_constraints                    ? 
_refine.ls_number_parameters                     ? 
_refine.ls_number_reflns_all                     ? 
_refine.ls_number_reflns_obs                     6805 
_refine.ls_number_reflns_R_free                  1289 
_refine.ls_number_reflns_R_work                  11550 
_refine.ls_number_restraints                     ? 
_refine.ls_percent_reflns_obs                    96.49 
_refine.ls_percent_reflns_R_free                 10.04 
_refine.ls_R_factor_all                          ? 
_refine.ls_R_factor_obs                          0.0899 
_refine.ls_R_factor_R_free                       0.1086 
_refine.ls_R_factor_R_free_error                 ? 
_refine.ls_R_factor_R_free_error_details         ? 
_refine.ls_R_factor_R_work                       0.0878 
_refine.ls_R_Fsqd_factor_obs                     ? 
_refine.ls_R_I_factor_obs                        ? 
_refine.ls_redundancy_reflns_all                 ? 
_refine.ls_redundancy_reflns_obs                 ? 
_refine.ls_restrained_S_all                      ? 
_refine.ls_restrained_S_obs                      ? 
_refine.ls_shift_over_esd_max                    ? 
_refine.ls_shift_over_esd_mean                   ? 
_refine.ls_structure_factor_coef                 ? 
_refine.ls_weighting_details                     ? 
_refine.ls_weighting_scheme                      ? 
_refine.ls_wR_factor_all                         ? 
_refine.ls_wR_factor_obs                         ? 
_refine.ls_wR_factor_R_free                      ? 
_refine.ls_wR_factor_R_work                      ? 
_refine.occupancy_max                            ? 
_refine.occupancy_min                            ? 
_refine.solvent_model_details                    'FLAT BULK SOLVENT MODEL' 
_refine.solvent_model_param_bsol                 ? 
_refine.solvent_model_param_ksol                 ? 
_refine.pdbx_R_complete                          ? 
_refine.ls_R_factor_gt                           ? 
_refine.ls_goodness_of_fit_gt                    ? 
_refine.ls_goodness_of_fit_ref                   ? 
_refine.ls_shift_over_su_max                     ? 
_refine.ls_shift_over_su_max_lt                  ? 
_refine.ls_shift_over_su_mean                    ? 
_refine.ls_shift_over_su_mean_lt                 ? 
_refine.pdbx_ls_sigma_I                          ? 
_refine.pdbx_ls_sigma_F                          1.38 
_refine.pdbx_ls_sigma_Fsqd                       ? 
_refine.pdbx_data_cutoff_high_absF               ? 
_refine.pdbx_data_cutoff_high_rms_absF           ? 
_refine.pdbx_data_cutoff_low_absF                ? 
_refine.pdbx_isotropic_thermal_model             ? 
_refine.pdbx_ls_cross_valid_method               'FREE R-VALUE' 
_refine.pdbx_method_to_determine_struct          'MOLECULAR REPLACEMENT' 
_refine.pdbx_starting_model                      ? 
_refine.pdbx_stereochemistry_target_values       'GeoStd + Monomer Library + CDL v1.2' 
_refine.pdbx_R_Free_selection_details            ? 
_refine.pdbx_stereochem_target_val_spec_case     ? 
_refine.pdbx_overall_ESU_R                       ? 
_refine.pdbx_overall_ESU_R_Free                  ? 
_refine.pdbx_solvent_vdw_probe_radii             1.1000 
_refine.pdbx_solvent_ion_probe_radii             ? 
_refine.pdbx_solvent_shrinkage_radii             0.9000 
_refine.pdbx_real_space_R                        ? 
_refine.pdbx_density_correlation                 ? 
_refine.pdbx_pd_number_of_powder_patterns        ? 
_refine.pdbx_pd_number_of_points                 ? 
_refine.pdbx_pd_meas_number_of_points            ? 
_refine.pdbx_pd_proc_ls_prof_R_factor            ? 
_refine.pdbx_pd_proc_ls_prof_wR_factor           ? 
_refine.pdbx_pd_Marquardt_correlation_coeff      ? 
_refine.pdbx_pd_Fsqrd_R_factor                   ? 
_refine.pdbx_pd_ls_matrix_band_width             ? 
_refine.pdbx_overall_phase_error                 12.9230 
_refine.pdbx_overall_SU_R_free_Cruickshank_DPI   ? 
_refine.pdbx_overall_SU_R_free_Blow_DPI          ? 
_refine.pdbx_overall_SU_R_Blow_DPI               ? 
_refine.pdbx_TLS_residual_ADP_flag               ? 
_refine.pdbx_diffrn_id                           1 
_refine.overall_SU_B                             ? 
_refine.overall_SU_ML                            0.0371 
_refine.overall_SU_R_Cruickshank_DPI             ? 
_refine.overall_SU_R_free                        ? 
_refine.overall_FOM_free_R_set                   ? 
_refine.overall_FOM_work_R_set                   ? 
_refine.pdbx_average_fsc_overall                 ? 
_refine.pdbx_average_fsc_work                    ? 
_refine.pdbx_average_fsc_free                    ? 
# 
_refine_hist.pdbx_refine_id                   'X-RAY DIFFRACTION' 
_refine_hist.cycle_id                         LAST 
_refine_hist.details                          ? 
_refine_hist.d_res_high                       0.94 
_refine_hist.d_res_low                        13.63 
_refine_hist.number_atoms_solvent             1 
_refine_hist.number_atoms_total               147 
_refine_hist.number_reflns_all                ? 
_refine_hist.number_reflns_obs                ? 
_refine_hist.number_reflns_R_free             ? 
_refine_hist.number_reflns_R_work             ? 
_refine_hist.R_factor_all                     ? 
_refine_hist.R_factor_obs                     ? 
_refine_hist.R_factor_R_free                  ? 
_refine_hist.R_factor_R_work                  ? 
_refine_hist.pdbx_number_residues_total       ? 
_refine_hist.pdbx_B_iso_mean_ligand           ? 
_refine_hist.pdbx_B_iso_mean_solvent          ? 
_refine_hist.pdbx_number_atoms_protein        81 
_refine_hist.pdbx_number_atoms_nucleic_acid   0 
_refine_hist.pdbx_number_atoms_ligand         65 
_refine_hist.pdbx_number_atoms_lipid          ? 
_refine_hist.pdbx_number_atoms_carb           ? 
_refine_hist.pdbx_pseudo_atom_details         ? 
# 
loop_
_refine_ls_restr.pdbx_refine_id 
_refine_ls_restr.criterion 
_refine_ls_restr.dev_ideal 
_refine_ls_restr.dev_ideal_target 
_refine_ls_restr.number 
_refine_ls_restr.rejects 
_refine_ls_restr.type 
_refine_ls_restr.weight 
_refine_ls_restr.pdbx_restraint_function 
'X-RAY DIFFRACTION' ? 0.0121  ? 227 ? f_bond_d           ? ? 
'X-RAY DIFFRACTION' ? 2.1915  ? 302 ? f_angle_d          ? ? 
'X-RAY DIFFRACTION' ? 0.0357  ? 14  ? f_chiral_restr     ? ? 
'X-RAY DIFFRACTION' ? 0.0075  ? 35  ? f_plane_restr      ? ? 
'X-RAY DIFFRACTION' ? 36.7315 ? 33  ? f_dihedral_angle_d ? ? 
# 
loop_
_refine_ls_shell.pdbx_refine_id 
_refine_ls_shell.d_res_high 
_refine_ls_shell.d_res_low 
_refine_ls_shell.number_reflns_all 
_refine_ls_shell.number_reflns_obs 
_refine_ls_shell.number_reflns_R_free 
_refine_ls_shell.number_reflns_R_work 
_refine_ls_shell.percent_reflns_obs 
_refine_ls_shell.percent_reflns_R_free 
_refine_ls_shell.R_factor_all 
_refine_ls_shell.R_factor_obs 
_refine_ls_shell.R_factor_R_free_error 
_refine_ls_shell.R_factor_R_work 
_refine_ls_shell.redundancy_reflns_all 
_refine_ls_shell.redundancy_reflns_obs 
_refine_ls_shell.wR_factor_all 
_refine_ls_shell.wR_factor_obs 
_refine_ls_shell.wR_factor_R_free 
_refine_ls_shell.wR_factor_R_work 
_refine_ls_shell.pdbx_R_complete 
_refine_ls_shell.pdbx_total_number_of_bins_used 
_refine_ls_shell.pdbx_phase_error 
_refine_ls_shell.pdbx_fsc_work 
_refine_ls_shell.pdbx_fsc_free 
_refine_ls_shell.R_factor_R_free 
'X-RAY DIFFRACTION' 0.94 0.98  . . 145 1281 94.75 . . . . 0.0965 . . . . . . . . . . . 0.1343 
'X-RAY DIFFRACTION' 0.98 1.02  . . 130 1273 94.41 . . . . 0.0859 . . . . . . . . . . . 0.0966 
'X-RAY DIFFRACTION' 1.02 1.08  . . 151 1296 98.44 . . . . 0.0828 . . . . . . . . . . . 0.1266 
'X-RAY DIFFRACTION' 1.08 1.14  . . 134 1270 95.45 . . . . 0.0811 . . . . . . . . . . . 0.0936 
'X-RAY DIFFRACTION' 1.14 1.23  . . 146 1278 96.61 . . . . 0.0753 . . . . . . . . . . . 0.1054 
'X-RAY DIFFRACTION' 1.23 1.36  . . 143 1275 96.59 . . . . 0.0834 . . . . . . . . . . . 0.0966 
'X-RAY DIFFRACTION' 1.36 1.55  . . 154 1295 98.57 . . . . 0.0908 . . . . . . . . . . . 0.1012 
'X-RAY DIFFRACTION' 1.55 1.95  . . 139 1333 99.19 . . . . 0.0895 . . . . . . . . . . . 0.0924 
'X-RAY DIFFRACTION' 1.95 13.63 . . 147 1249 94.58 . . . . 0.0915 . . . . . . . . . . . 0.1214 
# 
_struct.entry_id                     9C04 
_struct.title                        'UIC-1 soaked in equimolar toluene, para-xylene, and ethylbenzene' 
_struct.pdbx_model_details           ? 
_struct.pdbx_formula_weight          ? 
_struct.pdbx_formula_weight_method   ? 
_struct.pdbx_model_type_details      ? 
_struct.pdbx_CASP_flag               N 
# 
_struct_keywords.entry_id        9C04 
_struct_keywords.text            'synthetic construct, DE NOVO PROTEIN' 
_struct_keywords.pdbx_keywords   'DE NOVO PROTEIN' 
# 
loop_
_struct_asym.id 
_struct_asym.pdbx_blank_PDB_chainid_flag 
_struct_asym.pdbx_modified 
_struct_asym.entity_id 
_struct_asym.details 
A N N 1 ? 
B N N 2 ? 
C N N 3 ? 
D N N 4 ? 
E N N 5 ? 
F N N 6 ? 
G N N 5 ? 
H N N 6 ? 
I N N 4 ? 
J N N 7 ? 
# 
_struct_ref.id                         1 
_struct_ref.db_name                    PDB 
_struct_ref.db_code                    9C04 
_struct_ref.pdbx_db_accession          9C04 
_struct_ref.pdbx_db_isoform            ? 
_struct_ref.entity_id                  1 
_struct_ref.pdbx_seq_one_letter_code   ? 
_struct_ref.pdbx_align_begin           1 
# 
_struct_ref_seq.align_id                      1 
_struct_ref_seq.ref_id                        1 
_struct_ref_seq.pdbx_PDB_id_code              9C04 
_struct_ref_seq.pdbx_strand_id                A 
_struct_ref_seq.seq_align_beg                 1 
_struct_ref_seq.pdbx_seq_align_beg_ins_code   ? 
_struct_ref_seq.seq_align_end                 9 
_struct_ref_seq.pdbx_seq_align_end_ins_code   ? 
_struct_ref_seq.pdbx_db_accession             9C04 
_struct_ref_seq.db_align_beg                  2 
_struct_ref_seq.pdbx_db_align_beg_ins_code    ? 
_struct_ref_seq.db_align_end                  10 
_struct_ref_seq.pdbx_db_align_end_ins_code    ? 
_struct_ref_seq.pdbx_auth_seq_align_beg       2 
_struct_ref_seq.pdbx_auth_seq_align_end       10 
# 
_pdbx_struct_assembly.id                   1 
_pdbx_struct_assembly.details              author_and_software_defined_assembly 
_pdbx_struct_assembly.method_details       PISA 
_pdbx_struct_assembly.oligomeric_details   monomeric 
_pdbx_struct_assembly.oligomeric_count     1 
# 
_pdbx_struct_assembly_gen.assembly_id       1 
_pdbx_struct_assembly_gen.oper_expression   1 
_pdbx_struct_assembly_gen.asym_id_list      A,B,C,D,E,F,G,H,I,J 
# 
_pdbx_struct_oper_list.id                   1 
_pdbx_struct_oper_list.type                 'identity operation' 
_pdbx_struct_oper_list.name                 1_555 
_pdbx_struct_oper_list.symmetry_operation   x,y,z 
_pdbx_struct_oper_list.matrix[1][1]         1.0000000000 
_pdbx_struct_oper_list.matrix[1][2]         0.0000000000 
_pdbx_struct_oper_list.matrix[1][3]         0.0000000000 
_pdbx_struct_oper_list.vector[1]            0.0000000000 
_pdbx_struct_oper_list.matrix[2][1]         0.0000000000 
_pdbx_struct_oper_list.matrix[2][2]         1.0000000000 
_pdbx_struct_oper_list.matrix[2][3]         0.0000000000 
_pdbx_struct_oper_list.vector[2]            0.0000000000 
_pdbx_struct_oper_list.matrix[3][1]         0.0000000000 
_pdbx_struct_oper_list.matrix[3][2]         0.0000000000 
_pdbx_struct_oper_list.matrix[3][3]         1.0000000000 
_pdbx_struct_oper_list.vector[3]            0.0000000000 
# 
_struct_conf.conf_type_id            HELX_P 
_struct_conf.id                      HELX_P1 
_struct_conf.pdbx_PDB_helix_id       AA1 
_struct_conf.beg_label_comp_id       LEU 
_struct_conf.beg_label_asym_id       A 
_struct_conf.beg_label_seq_id        1 
_struct_conf.pdbx_beg_PDB_ins_code   ? 
_struct_conf.end_label_comp_id       GLN 
_struct_conf.end_label_asym_id       A 
_struct_conf.end_label_seq_id        7 
_struct_conf.pdbx_end_PDB_ins_code   ? 
_struct_conf.beg_auth_comp_id        LEU 
_struct_conf.beg_auth_asym_id        A 
_struct_conf.beg_auth_seq_id         2 
_struct_conf.end_auth_comp_id        GLN 
_struct_conf.end_auth_asym_id        A 
_struct_conf.end_auth_seq_id         8 
_struct_conf.pdbx_PDB_helix_class    1 
_struct_conf.details                 ? 
_struct_conf.pdbx_PDB_helix_length   7 
# 
_struct_conf_type.id          HELX_P 
_struct_conf_type.criteria    ? 
_struct_conf_type.reference   ? 
# 
loop_
_struct_conn.id 
_struct_conn.conn_type_id 
_struct_conn.pdbx_leaving_atom_flag 
_struct_conn.pdbx_PDB_id 
_struct_conn.ptnr1_label_asym_id 
_struct_conn.ptnr1_label_comp_id 
_struct_conn.ptnr1_label_seq_id 
_struct_conn.ptnr1_label_atom_id 
_struct_conn.pdbx_ptnr1_label_alt_id 
_struct_conn.pdbx_ptnr1_PDB_ins_code 
_struct_conn.pdbx_ptnr1_standard_comp_id 
_struct_conn.ptnr1_symmetry 
_struct_conn.ptnr2_label_asym_id 
_struct_conn.ptnr2_label_comp_id 
_struct_conn.ptnr2_label_seq_id 
_struct_conn.ptnr2_label_atom_id 
_struct_conn.pdbx_ptnr2_label_alt_id 
_struct_conn.pdbx_ptnr2_PDB_ins_code 
_struct_conn.ptnr1_auth_asym_id 
_struct_conn.ptnr1_auth_comp_id 
_struct_conn.ptnr1_auth_seq_id 
_struct_conn.ptnr2_auth_asym_id 
_struct_conn.ptnr2_auth_comp_id 
_struct_conn.ptnr2_auth_seq_id 
_struct_conn.ptnr2_symmetry 
_struct_conn.pdbx_ptnr3_label_atom_id 
_struct_conn.pdbx_ptnr3_label_seq_id 
_struct_conn.pdbx_ptnr3_label_comp_id 
_struct_conn.pdbx_ptnr3_label_asym_id 
_struct_conn.pdbx_ptnr3_label_alt_id 
_struct_conn.pdbx_ptnr3_PDB_ins_code 
_struct_conn.details 
_struct_conn.pdbx_dist_value 
_struct_conn.pdbx_value_order 
_struct_conn.pdbx_role 
covale1  covale both ? A LEU 1 C A ? ? 1_555 A AIB 2 N   ? ? A LEU 2  A AIB 3   1_555 ? ? ? ? ? ? ? 1.334 ? ? 
covale2  covale both ? A LEU 1 C B ? ? 1_555 A AIB 2 N   ? ? A LEU 2  A AIB 3   1_555 ? ? ? ? ? ? ? 1.325 ? ? 
covale3  covale both ? A LEU 1 N A ? ? 1_555 C I6W . C02 A ? A LEU 2  A I6W 102 1_555 ? ? ? ? ? ? ? 1.422 ? ? 
covale4  covale both ? A LEU 1 N B ? ? 1_555 C I6W . C02 B ? A LEU 2  A I6W 102 1_555 ? ? ? ? ? ? ? 1.429 ? ? 
covale5  covale both ? A AIB 2 C ? ? ? 1_555 A ALA 3 N   ? ? A AIB 3  A ALA 4   1_555 ? ? ? ? ? ? ? 1.331 ? ? 
covale6  covale both ? A ALA 3 C ? ? ? 1_555 A AIB 4 N   ? ? A ALA 4  A AIB 5   1_555 ? ? ? ? ? ? ? 1.334 ? ? 
covale7  covale both ? A AIB 4 C ? ? ? 1_555 A LEU 5 N   A ? A AIB 5  A LEU 6   1_555 ? ? ? ? ? ? ? 1.344 ? ? 
covale8  covale both ? A AIB 4 C ? ? ? 1_555 A LEU 5 N   B ? A AIB 5  A LEU 6   1_555 ? ? ? ? ? ? ? 1.335 ? ? 
covale9  covale both ? A LEU 5 C A ? ? 1_555 A AIB 6 N   ? ? A LEU 6  A AIB 7   1_555 ? ? ? ? ? ? ? 1.331 ? ? 
covale10 covale both ? A LEU 5 C B ? ? 1_555 A AIB 6 N   ? ? A LEU 6  A AIB 7   1_555 ? ? ? ? ? ? ? 1.331 ? ? 
covale11 covale both ? A AIB 6 C ? ? ? 1_555 A GLN 7 N   ? ? A AIB 7  A GLN 8   1_555 ? ? ? ? ? ? ? 1.331 ? ? 
covale12 covale both ? A GLN 7 C ? ? ? 1_555 A AIB 8 N   ? ? A GLN 8  A AIB 9   1_555 ? ? ? ? ? ? ? 1.336 ? ? 
covale13 covale both ? A AIB 8 C ? ? ? 1_555 A LEU 9 N   A ? A AIB 9  A LEU 10  1_555 ? ? ? ? ? ? ? 1.342 ? ? 
covale14 covale both ? A AIB 8 C ? ? ? 1_555 A LEU 9 N   B ? A AIB 9  A LEU 10  1_555 ? ? ? ? ? ? ? 1.333 ? ? 
covale15 covale both ? A LEU 9 C A ? ? 1_555 B I77 . N15 A ? A LEU 10 A I77 101 1_555 ? ? ? ? ? ? ? 1.417 ? ? 
covale16 covale both ? A LEU 9 C B ? ? 1_555 B I77 . N15 B ? A LEU 10 A I77 101 1_555 ? ? ? ? ? ? ? 1.419 ? ? 
# 
_struct_conn_type.id          covale 
_struct_conn_type.criteria    ? 
_struct_conn_type.reference   ? 
# 
loop_
_pdbx_modification_feature.ordinal 
_pdbx_modification_feature.label_comp_id 
_pdbx_modification_feature.label_asym_id 
_pdbx_modification_feature.label_seq_id 
_pdbx_modification_feature.label_alt_id 
_pdbx_modification_feature.modified_residue_label_comp_id 
_pdbx_modification_feature.modified_residue_label_asym_id 
_pdbx_modification_feature.modified_residue_label_seq_id 
_pdbx_modification_feature.modified_residue_label_alt_id 
_pdbx_modification_feature.auth_comp_id 
_pdbx_modification_feature.auth_asym_id 
_pdbx_modification_feature.auth_seq_id 
_pdbx_modification_feature.PDB_ins_code 
_pdbx_modification_feature.symmetry 
_pdbx_modification_feature.modified_residue_auth_comp_id 
_pdbx_modification_feature.modified_residue_auth_asym_id 
_pdbx_modification_feature.modified_residue_auth_seq_id 
_pdbx_modification_feature.modified_residue_PDB_ins_code 
_pdbx_modification_feature.modified_residue_symmetry 
_pdbx_modification_feature.comp_id_linking_atom 
_pdbx_modification_feature.modified_residue_id_linking_atom 
_pdbx_modification_feature.modified_residue_id 
_pdbx_modification_feature.ref_pcm_id 
_pdbx_modification_feature.ref_comp_id 
_pdbx_modification_feature.type 
_pdbx_modification_feature.category 
1 AIB A 2 ? .   . . . AIB A 3   ? 1_555 .   . .  . .     .   . ALA 1 AIB Methylation 'Named protein modification'     
2 AIB A 4 ? .   . . . AIB A 5   ? 1_555 .   . .  . .     .   . ALA 1 AIB Methylation 'Named protein modification'     
3 AIB A 6 ? .   . . . AIB A 7   ? 1_555 .   . .  . .     .   . ALA 1 AIB Methylation 'Named protein modification'     
4 AIB A 8 ? .   . . . AIB A 9   ? 1_555 .   . .  . .     .   . ALA 1 AIB Methylation 'Named protein modification'     
5 I77 B . A LEU A 9 A I77 A 101 ? 1_555 LEU A 10 ? 1_555 N15 C LEU 1 I77 None        'Covalent chemical modification' 
6 I77 B . B LEU A 9 B I77 A 101 ? 1_555 LEU A 10 ? 1_555 N15 C LEU 1 I77 None        'Covalent chemical modification' 
7 I6W C . A LEU A 1 A I6W A 102 ? 1_555 LEU A 2  ? 1_555 C02 N LEU 1 I6W None        'Covalent chemical modification' 
8 I6W C . B LEU A 1 B I6W A 102 ? 1_555 LEU A 2  ? 1_555 C02 N LEU 1 I6W None        'Covalent chemical modification' 
# 
_pdbx_entry_details.entry_id                   9C04 
_pdbx_entry_details.has_ligand_of_interest     Y 
_pdbx_entry_details.compound_details           ? 
_pdbx_entry_details.source_details             ? 
_pdbx_entry_details.nonpolymer_details         ? 
_pdbx_entry_details.sequence_details           ? 
_pdbx_entry_details.has_protein_modification   Y 
# 
loop_
_space_group_symop.id 
_space_group_symop.operation_xyz 
1 x,y,z       
2 -x,y+1/2,-z 
# 
loop_
_chem_comp_atom.comp_id 
_chem_comp_atom.atom_id 
_chem_comp_atom.type_symbol 
_chem_comp_atom.pdbx_aromatic_flag 
_chem_comp_atom.pdbx_stereo_config 
_chem_comp_atom.pdbx_ordinal 
AIB N      N N N 1   
AIB CA     C N N 2   
AIB C      C N N 3   
AIB O      O N N 4   
AIB OXT    O N N 5   
AIB CB1    C N N 6   
AIB CB2    C N N 7   
AIB H      H N N 8   
AIB H2     H N N 9   
AIB HXT    H N N 10  
AIB HB11   H N N 11  
AIB HB12   H N N 12  
AIB HB13   H N N 13  
AIB HB21   H N N 14  
AIB HB22   H N N 15  
AIB HB23   H N N 16  
ALA N      N N N 17  
ALA CA     C N S 18  
ALA C      C N N 19  
ALA O      O N N 20  
ALA CB     C N N 21  
ALA OXT    O N N 22  
ALA H      H N N 23  
ALA H2     H N N 24  
ALA HA     H N N 25  
ALA HB1    H N N 26  
ALA HB2    H N N 27  
ALA HB3    H N N 28  
ALA HXT    H N N 29  
GLN N      N N N 30  
GLN CA     C N S 31  
GLN C      C N N 32  
GLN O      O N N 33  
GLN CB     C N N 34  
GLN CG     C N N 35  
GLN CD     C N N 36  
GLN OE1    O N N 37  
GLN NE2    N N N 38  
GLN OXT    O N N 39  
GLN H      H N N 40  
GLN H2     H N N 41  
GLN HA     H N N 42  
GLN HB2    H N N 43  
GLN HB3    H N N 44  
GLN HG2    H N N 45  
GLN HG3    H N N 46  
GLN HE21   H N N 47  
GLN HE22   H N N 48  
GLN HXT    H N N 49  
HOH O      O N N 50  
HOH H1     H N N 51  
HOH H2     H N N 52  
I6W C05    C Y N 53  
I6W C08    C Y N 54  
I6W C09    C Y N 55  
I6W N10    N Y N 56  
I6W C02    C N N 57  
I6W C03    C Y N 58  
I6W C04    C Y N 59  
I6W C06    C Y N 60  
I6W C11    C Y N 61  
I6W C12    C Y N 62  
I6W C13    C N N 63  
I6W C15    C N N 64  
I6W C16    C N N 65  
I6W C18    C Y N 66  
I6W C19    C Y N 67  
I6W N07    N Y N 68  
I6W O01    O N N 69  
I6W O14    O N N 70  
I6W O17    O N N 71  
I6W H051   H N N 72  
I6W H041   H N N 73  
I6W H061   H N N 74  
I6W H111   H N N 75  
I6W H152   H N N 76  
I6W H151   H N N 77  
I6W H162   H N N 78  
I6W H163   H N N 79  
I6W H161   H N N 80  
I6W H181   H N N 81  
I6W H191   H N N 82  
I6W OXT    O N N 83  
I6W HXT    H N N 84  
I77 C11    C Y N 85  
I77 C12    C Y N 86  
I77 C13    C N N 87  
I77 C17    C Y N 88  
I77 C18    C Y N 89  
I77 C02    C N N 90  
I77 C03    C Y N 91  
I77 C04    C Y N 92  
I77 C05    C Y N 93  
I77 C06    C Y N 94  
I77 C08    C Y N 95  
I77 C09    C Y N 96  
I77 N01    N N N 97  
I77 N07    N Y N 98  
I77 N10    N Y N 99  
I77 N14    N N N 100 
I77 N15    N N N 101 
I77 O16    O N N 102 
I77 O19    O N N 103 
I77 H111   H N N 104 
I77 H171   H N N 105 
I77 H181   H N N 106 
I77 H041   H N N 107 
I77 H051   H N N 108 
I77 H061   H N N 109 
I77 H011   H N N 110 
I77 H012   H N N 111 
I77 H141   H N N 112 
I77 H1     H N N 113 
I77 H2     H N N 114 
LEU N      N N N 115 
LEU CA     C N S 116 
LEU C      C N N 117 
LEU O      O N N 118 
LEU CB     C N N 119 
LEU CG     C N N 120 
LEU CD1    C N N 121 
LEU CD2    C N N 122 
LEU OXT    O N N 123 
LEU H      H N N 124 
LEU H2     H N N 125 
LEU HA     H N N 126 
LEU HB2    H N N 127 
LEU HB3    H N N 128 
LEU HG     H N N 129 
LEU HD11   H N N 130 
LEU HD12   H N N 131 
LEU HD13   H N N 132 
LEU HD21   H N N 133 
LEU HD22   H N N 134 
LEU HD23   H N N 135 
LEU HXT    H N N 136 
MBN C      C N N 137 
MBN C1     C Y N 138 
MBN C2     C Y N 139 
MBN C3     C Y N 140 
MBN C4     C Y N 141 
MBN C5     C Y N 142 
MBN C6     C Y N 143 
MBN H1     H N N 144 
MBN H2A    H N N 145 
MBN H3A    H N N 146 
MBN H2     H N N 147 
MBN H3     H N N 148 
MBN H4     H N N 149 
MBN H5     H N N 150 
MBN H6     H N N 151 
PXY C1     C Y N 152 
PXY C2     C Y N 153 
PXY C3     C Y N 154 
PXY C4     C Y N 155 
PXY C5     C Y N 156 
PXY C6     C Y N 157 
PXY "C1'"  C N N 158 
PXY "C4'"  C N N 159 
PXY H2     H N N 160 
PXY H3     H N N 161 
PXY H5     H N N 162 
PXY H6     H N N 163 
PXY "H1'1" H N N 164 
PXY "H1'2" H N N 165 
PXY "H1'3" H N N 166 
PXY "H4'1" H N N 167 
PXY "H4'2" H N N 168 
PXY "H4'3" H N N 169 
PYJ CB     C N N 170 
PYJ CX     C N N 171 
PYJ CG     C Y N 172 
PYJ CD1    C Y N 173 
PYJ CD2    C Y N 174 
PYJ CE1    C Y N 175 
PYJ CE2    C Y N 176 
PYJ CZ     C Y N 177 
PYJ HCB1   H N N 178 
PYJ HCB2   H N N 179 
PYJ HCX1   H N N 180 
PYJ HCX2   H N N 181 
PYJ HCX3   H N N 182 
PYJ HCD1   H N N 183 
PYJ HCD2   H N N 184 
PYJ HCE1   H N N 185 
PYJ HCE2   H N N 186 
PYJ HCZ1   H N N 187 
# 
loop_
_chem_comp_bond.comp_id 
_chem_comp_bond.atom_id_1 
_chem_comp_bond.atom_id_2 
_chem_comp_bond.value_order 
_chem_comp_bond.pdbx_aromatic_flag 
_chem_comp_bond.pdbx_stereo_config 
_chem_comp_bond.pdbx_ordinal 
AIB N     CA     sing N N 1   
AIB N     H      sing N N 2   
AIB N     H2     sing N N 3   
AIB CA    C      sing N N 4   
AIB CA    CB1    sing N N 5   
AIB CA    CB2    sing N N 6   
AIB C     O      doub N N 7   
AIB C     OXT    sing N N 8   
AIB OXT   HXT    sing N N 9   
AIB CB1   HB11   sing N N 10  
AIB CB1   HB12   sing N N 11  
AIB CB1   HB13   sing N N 12  
AIB CB2   HB21   sing N N 13  
AIB CB2   HB22   sing N N 14  
AIB CB2   HB23   sing N N 15  
ALA N     CA     sing N N 16  
ALA N     H      sing N N 17  
ALA N     H2     sing N N 18  
ALA CA    C      sing N N 19  
ALA CA    CB     sing N N 20  
ALA CA    HA     sing N N 21  
ALA C     O      doub N N 22  
ALA C     OXT    sing N N 23  
ALA CB    HB1    sing N N 24  
ALA CB    HB2    sing N N 25  
ALA CB    HB3    sing N N 26  
ALA OXT   HXT    sing N N 27  
GLN N     CA     sing N N 28  
GLN N     H      sing N N 29  
GLN N     H2     sing N N 30  
GLN CA    C      sing N N 31  
GLN CA    CB     sing N N 32  
GLN CA    HA     sing N N 33  
GLN C     O      doub N N 34  
GLN C     OXT    sing N N 35  
GLN CB    CG     sing N N 36  
GLN CB    HB2    sing N N 37  
GLN CB    HB3    sing N N 38  
GLN CG    CD     sing N N 39  
GLN CG    HG2    sing N N 40  
GLN CG    HG3    sing N N 41  
GLN CD    OE1    doub N N 42  
GLN CD    NE2    sing N N 43  
GLN NE2   HE21   sing N N 44  
GLN NE2   HE22   sing N N 45  
GLN OXT   HXT    sing N N 46  
HOH O     H1     sing N N 47  
HOH O     H2     sing N N 48  
I6W O01   C02    doub N N 49  
I6W C02   C03    sing N N 50  
I6W C03   C06    doub Y N 51  
I6W C03   C04    sing Y N 52  
I6W C06   N07    sing Y N 53  
I6W C04   C05    doub Y N 54  
I6W N07   C08    doub Y N 55  
I6W C05   C08    sing Y N 56  
I6W C08   C09    sing N N 57  
I6W C09   C19    doub Y N 58  
I6W C09   N10    sing Y N 59  
I6W C19   C18    sing Y N 60  
I6W N10   C11    doub Y N 61  
I6W C18   C12    doub Y N 62  
I6W C11   C12    sing Y N 63  
I6W C12   C13    sing N N 64  
I6W C13   O17    doub N N 65  
I6W C13   O14    sing N N 66  
I6W O14   C15    sing N N 67  
I6W C15   C16    sing N N 68  
I6W C05   H051   sing N N 69  
I6W C04   H041   sing N N 70  
I6W C06   H061   sing N N 71  
I6W C11   H111   sing N N 72  
I6W C15   H152   sing N N 73  
I6W C15   H151   sing N N 74  
I6W C16   H162   sing N N 75  
I6W C16   H163   sing N N 76  
I6W C16   H161   sing N N 77  
I6W C18   H181   sing N N 78  
I6W C19   H191   sing N N 79  
I6W C02   OXT    sing N N 80  
I6W OXT   HXT    sing N N 81  
I77 N15   N14    sing N N 82  
I77 O16   C13    doub N N 83  
I77 N14   C13    sing N N 84  
I77 C13   C12    sing N N 85  
I77 C12   C17    doub Y N 86  
I77 C12   C11    sing Y N 87  
I77 C17   C18    sing Y N 88  
I77 C11   N10    doub Y N 89  
I77 C18   C09    doub Y N 90  
I77 N10   C09    sing Y N 91  
I77 C09   C08    sing N N 92  
I77 C08   N07    doub Y N 93  
I77 C08   C05    sing Y N 94  
I77 N07   C06    sing Y N 95  
I77 C05   C04    doub Y N 96  
I77 C06   C03    doub Y N 97  
I77 C04   C03    sing Y N 98  
I77 C03   C02    sing N N 99  
I77 C02   N01    sing N N 100 
I77 C02   O19    doub N N 101 
I77 C11   H111   sing N N 102 
I77 C17   H171   sing N N 103 
I77 C18   H181   sing N N 104 
I77 C04   H041   sing N N 105 
I77 C05   H051   sing N N 106 
I77 C06   H061   sing N N 107 
I77 N01   H011   sing N N 108 
I77 N01   H012   sing N N 109 
I77 N14   H141   sing N N 110 
I77 N15   H1     sing N N 111 
I77 N15   H2     sing N N 112 
LEU N     CA     sing N N 113 
LEU N     H      sing N N 114 
LEU N     H2     sing N N 115 
LEU CA    C      sing N N 116 
LEU CA    CB     sing N N 117 
LEU CA    HA     sing N N 118 
LEU C     O      doub N N 119 
LEU C     OXT    sing N N 120 
LEU CB    CG     sing N N 121 
LEU CB    HB2    sing N N 122 
LEU CB    HB3    sing N N 123 
LEU CG    CD1    sing N N 124 
LEU CG    CD2    sing N N 125 
LEU CG    HG     sing N N 126 
LEU CD1   HD11   sing N N 127 
LEU CD1   HD12   sing N N 128 
LEU CD1   HD13   sing N N 129 
LEU CD2   HD21   sing N N 130 
LEU CD2   HD22   sing N N 131 
LEU CD2   HD23   sing N N 132 
LEU OXT   HXT    sing N N 133 
MBN C     C1     sing N N 134 
MBN C     H1     sing N N 135 
MBN C     H2A    sing N N 136 
MBN C     H3A    sing N N 137 
MBN C1    C2     doub Y N 138 
MBN C1    C6     sing Y N 139 
MBN C2    C3     sing Y N 140 
MBN C2    H2     sing N N 141 
MBN C3    C4     doub Y N 142 
MBN C3    H3     sing N N 143 
MBN C4    C5     sing Y N 144 
MBN C4    H4     sing N N 145 
MBN C5    C6     doub Y N 146 
MBN C5    H5     sing N N 147 
MBN C6    H6     sing N N 148 
PXY C1    C2     doub Y N 149 
PXY C1    C6     sing Y N 150 
PXY C1    "C1'"  sing N N 151 
PXY C2    C3     sing Y N 152 
PXY C2    H2     sing N N 153 
PXY C3    C4     doub Y N 154 
PXY C3    H3     sing N N 155 
PXY C4    C5     sing Y N 156 
PXY C4    "C4'"  sing N N 157 
PXY C5    C6     doub Y N 158 
PXY C5    H5     sing N N 159 
PXY C6    H6     sing N N 160 
PXY "C1'" "H1'1" sing N N 161 
PXY "C1'" "H1'2" sing N N 162 
PXY "C1'" "H1'3" sing N N 163 
PXY "C4'" "H4'1" sing N N 164 
PXY "C4'" "H4'2" sing N N 165 
PXY "C4'" "H4'3" sing N N 166 
PYJ CB    CX     sing N N 167 
PYJ CB    CG     sing N N 168 
PYJ CB    HCB1   sing N N 169 
PYJ CB    HCB2   sing N N 170 
PYJ CX    HCX1   sing N N 171 
PYJ CX    HCX2   sing N N 172 
PYJ CX    HCX3   sing N N 173 
PYJ CG    CD1    doub Y N 174 
PYJ CG    CD2    sing Y N 175 
PYJ CD1   CE1    sing Y N 176 
PYJ CD1   HCD1   sing N N 177 
PYJ CD2   CE2    doub Y N 178 
PYJ CD2   HCD2   sing N N 179 
PYJ CE1   CZ     doub Y N 180 
PYJ CE1   HCE1   sing N N 181 
PYJ CE2   CZ     sing Y N 182 
PYJ CE2   HCE2   sing N N 183 
PYJ CZ    HCZ1   sing N N 184 
# 
_pdbx_audit_support.funding_organization   'Department of Energy (DOE, United States)' 
_pdbx_audit_support.country                'United States' 
_pdbx_audit_support.grant_number           DE-AC02-06CH11357 
_pdbx_audit_support.ordinal                1 
# 
_pdbx_initial_refinement_model.id               1 
_pdbx_initial_refinement_model.entity_id_list   ? 
_pdbx_initial_refinement_model.type             'experimental model' 
_pdbx_initial_refinement_model.source_name      PDB 
_pdbx_initial_refinement_model.accession_code   7TLS 
_pdbx_initial_refinement_model.details          ? 
# 
_space_group.name_H-M_alt     'P 1 21 1' 
_space_group.name_Hall        'P 2yb' 
_space_group.IT_number        4 
_space_group.crystal_system   monoclinic 
_space_group.id               1 
# 
_atom_sites.entry_id                    9C04 
_atom_sites.Cartn_transf_matrix[1][1]   ? 
_atom_sites.Cartn_transf_matrix[1][2]   ? 
_atom_sites.Cartn_transf_matrix[1][3]   ? 
_atom_sites.Cartn_transf_matrix[2][1]   ? 
_atom_sites.Cartn_transf_matrix[2][2]   ? 
_atom_sites.Cartn_transf_matrix[2][3]   ? 
_atom_sites.Cartn_transf_matrix[3][1]   ? 
_atom_sites.Cartn_transf_matrix[3][2]   ? 
_atom_sites.Cartn_transf_matrix[3][3]   ? 
_atom_sites.Cartn_transf_vector[1]      ? 
_atom_sites.Cartn_transf_vector[2]      ? 
_atom_sites.Cartn_transf_vector[3]      ? 
_atom_sites.Cartn_transform_axes        ? 
_atom_sites.fract_transf_matrix[1][1]   0.02339596 
_atom_sites.fract_transf_matrix[1][2]   0.02350864 
_atom_sites.fract_transf_matrix[1][3]   -0.06547140 
_atom_sites.fract_transf_matrix[2][1]   -0.01343916 
_atom_sites.fract_transf_matrix[2][2]   -0.06730116 
_atom_sites.fract_transf_matrix[2][3]   -0.02896808 
_atom_sites.fract_transf_matrix[3][1]   -0.03005185 
_atom_sites.fract_transf_matrix[3][2]   0.01215584 
_atom_sites.fract_transf_matrix[3][3]   -0.01429955 
_atom_sites.fract_transf_vector[1]      -0.391375 
_atom_sites.fract_transf_vector[2]      -0.234739 
_atom_sites.fract_transf_vector[3]      -0.174486 
_atom_sites.solution_primary            ? 
_atom_sites.solution_secondary          ? 
_atom_sites.solution_hydrogens          ? 
_atom_sites.special_details             ? 
# 
loop_
_atom_type.symbol 
_atom_type.scat_dispersion_real 
_atom_type.scat_dispersion_imag 
_atom_type.scat_Cromer_Mann_a1 
_atom_type.scat_Cromer_Mann_a2 
_atom_type.scat_Cromer_Mann_a3 
_atom_type.scat_Cromer_Mann_a4 
_atom_type.scat_Cromer_Mann_b1 
_atom_type.scat_Cromer_Mann_b2 
_atom_type.scat_Cromer_Mann_b3 
_atom_type.scat_Cromer_Mann_b4 
_atom_type.scat_Cromer_Mann_c 
_atom_type.scat_source 
_atom_type.scat_dispersion_source 
C ? ? 2.51340 1.74867 1.72398 ? 31.80534 0.44561  10.58317 ? 0.0 
;3-Gaussian fit: Grosse-Kunstleve RW, Sauter NK, Adams PD: Newsletter of the IUCr Commission on Crystallographic Computing 2004, 3, 22-31.
;
? 
H ? ? 0.53795 0.34799 0.11320 ? 10.08003 29.74760 2.57510  ? 0.0 
;3-Gaussian fit: Grosse-Kunstleve RW, Sauter NK, Adams PD: Newsletter of the IUCr Commission on Crystallographic Computing 2004, 3, 22-31.
;
? 
N ? ? 2.99955 2.25584 1.72788 ? 23.27268 7.45433  0.31622  ? 0.0 
;3-Gaussian fit: Grosse-Kunstleve RW, Sauter NK, Adams PD: Newsletter of the IUCr Commission on Crystallographic Computing 2004, 3, 22-31.
;
? 
O ? ? 4.49882 3.47563 ?       ? 15.80542 1.70748  ?        ? 0.0 
;2-Gaussian fit: Grosse-Kunstleve RW, Sauter NK, Adams PD: Newsletter of the IUCr Commission on Crystallographic Computing 2004, 3, 22-31.
;
? 
# 
loop_
_atom_site.group_PDB 
_atom_site.id 
_atom_site.type_symbol 
_atom_site.label_atom_id 
_atom_site.label_alt_id 
_atom_site.label_comp_id 
_atom_site.label_asym_id 
_atom_site.label_entity_id 
_atom_site.label_seq_id 
_atom_site.pdbx_PDB_ins_code 
_atom_site.Cartn_x 
_atom_site.Cartn_y 
_atom_site.Cartn_z 
_atom_site.occupancy 
_atom_site.B_iso_or_equiv 
_atom_site.pdbx_formal_charge 
_atom_site.auth_seq_id 
_atom_site.auth_comp_id 
_atom_site.auth_asym_id 
_atom_site.auth_atom_id 
_atom_site.pdbx_PDB_model_num 
ATOM   1   N N      A LEU A 1 1 ? 5.33081   5.12382   -1.63775 0.731 6.55293  ? 2   LEU A N      1 
ATOM   2   N N      B LEU A 1 1 ? 5.12302   5.42182   -2.28097 0.269 7.02186  ? 2   LEU A N      1 
ATOM   3   C CA     A LEU A 1 1 ? 3.92311   5.35811   -1.90899 0.731 6.34774  ? 2   LEU A CA     1 
ATOM   4   C CA     B LEU A 1 1 ? 3.67743   5.49064   -2.29049 0.269 7.11516  ? 2   LEU A CA     1 
ATOM   5   C C      A LEU A 1 1 ? 3.17312   4.04464   -2.23630 0.731 6.01916  ? 2   LEU A C      1 
ATOM   6   C C      B LEU A 1 1 ? 3.08136   4.09908   -2.36938 0.269 6.89533  ? 2   LEU A C      1 
ATOM   7   O O      A LEU A 1 1 ? 2.09723   3.77932   -1.68296 0.731 6.38658  ? 2   LEU A O      1 
ATOM   8   O O      B LEU A 1 1 ? 2.06359   3.81390   -1.73484 0.269 7.21257  ? 2   LEU A O      1 
ATOM   9   C CB     A LEU A 1 1 ? 3.81623   6.35187   -3.06349 0.731 6.72861  ? 2   LEU A CB     1 
ATOM   10  C CB     B LEU A 1 1 ? 3.20435   6.36568   -3.45559 0.269 7.47316  ? 2   LEU A CB     1 
ATOM   11  C CG     A LEU A 1 1 ? 2.42350   6.52168   -3.66002 0.731 7.72080  ? 2   LEU A CG     1 
ATOM   12  C CG     B LEU A 1 1 ? 1.71691   6.72160   -3.51323 0.269 8.60734  ? 2   LEU A CG     1 
ATOM   13  C CD1    A LEU A 1 1 ? 1.39069   6.97415   -2.65015 0.731 8.37404  ? 2   LEU A CD1    1 
ATOM   14  C CD1    B LEU A 1 1 ? 1.24795   7.44616   -2.27477 0.269 9.00230  ? 2   LEU A CD1    1 
ATOM   15  C CD2    A LEU A 1 1 ? 2.51277   7.49058   -4.82993 0.731 8.69995  ? 2   LEU A CD2    1 
ATOM   16  C CD2    B LEU A 1 1 ? 1.47418   7.61585   -4.71297 0.269 8.91393  ? 2   LEU A CD2    1 
ATOM   17  H H1     A LEU A 1 1 ? 5.86704   5.58445   -2.13085 0.731 7.86746  ? 2   LEU A H1     1 
ATOM   18  H H1     B LEU A 1 1 ? 5.49603   5.81832   -2.94718 0.269 8.43017  ? 2   LEU A H1     1 
ATOM   19  H HA     A LEU A 1 1 ? 3.48733   5.72873   -1.12564 0.731 7.62123  ? 2   LEU A HA     1 
ATOM   20  H HA     B LEU A 1 1 ? 3.35586   5.89828   -1.47115 0.269 8.54213  ? 2   LEU A HA     1 
ATOM   21  H HB2    A LEU A 1 1 ? 4.10125   7.22189   -2.74299 0.731 8.07827  ? 2   LEU A HB2    1 
ATOM   22  H HB2    B LEU A 1 1 ? 3.69204   7.20315   -3.41451 0.269 8.97174  ? 2   LEU A HB2    1 
ATOM   23  H HB3    A LEU A 1 1 ? 4.40159   6.05304   -3.77691 0.731 8.07827  ? 2   LEU A HB3    1 
ATOM   24  H HB3    B LEU A 1 1 ? 3.41374   5.89993   -4.28028 0.269 8.97174  ? 2   LEU A HB3    1 
ATOM   25  H HG     A LEU A 1 1 ? 2.10933   5.65729   -3.96830 0.731 9.26890  ? 2   LEU A HG     1 
ATOM   26  H HG     B LEU A 1 1 ? 1.21177   5.89617   -3.57951 0.269 10.33275 ? 2   LEU A HG     1 
ATOM   27  H HD11   A LEU A 1 1 ? 0.51815   6.98449   -3.07379 0.731 10.05279 ? 2   LEU A HD11   1 
ATOM   28  H HD11   B LEU A 1 1 ? 0.27936   7.49695   -2.28632 0.269 10.80670 ? 2   LEU A HD11   1 
ATOM   29  H HD12   A LEU A 1 1 ? 1.38810   6.35613   -1.90254 0.731 10.05279 ? 2   LEU A HD12   1 
ATOM   30  H HD12   B LEU A 1 1 ? 1.54422   6.95683   -1.49139 0.269 10.80670 ? 2   LEU A HD12   1 
ATOM   31  H HD13   A LEU A 1 1 ? 1.61939   7.86504   -2.34207 0.731 10.05279 ? 2   LEU A HD13   1 
ATOM   32  H HD13   B LEU A 1 1 ? 1.62599   8.33945   -2.26932 0.269 10.80670 ? 2   LEU A HD13   1 
ATOM   33  H HD21   A LEU A 1 1 ? 1.64501   7.54765   -5.25962 0.731 10.44389 ? 2   LEU A HD21   1 
ATOM   34  H HD21   B LEU A 1 1 ? 0.64395   8.10033   -4.58291 0.269 10.70066 ? 2   LEU A HD21   1 
ATOM   35  H HD22   A LEU A 1 1 ? 2.77550   8.36327   -4.49786 0.731 10.44389 ? 2   LEU A HD22   1 
ATOM   36  H HD22   B LEU A 1 1 ? 2.21194   8.24012   -4.79593 0.269 10.70066 ? 2   LEU A HD22   1 
ATOM   37  H HD23   A LEU A 1 1 ? 3.17339   7.16404   -5.46069 0.731 10.44389 ? 2   LEU A HD23   1 
ATOM   38  H HD23   B LEU A 1 1 ? 1.41494   7.06598   -5.50985 0.269 10.70066 ? 2   LEU A HD23   1 
HETATM 39  N N      . AIB A 1 2 ? 3.71532   3.22430   -3.13727 1.000 6.25592  ? 3   AIB A N      1 
HETATM 40  C CA     . AIB A 1 2 ? 3.08066   1.95324   -3.46560 1.000 6.42174  ? 3   AIB A CA     1 
HETATM 41  C C      . AIB A 1 2 ? 2.83628   1.17724   -2.16908 1.000 6.26578  ? 3   AIB A C      1 
HETATM 42  O O      . AIB A 1 2 ? 1.76614   0.62202   -1.94117 1.000 6.75293  ? 3   AIB A O      1 
HETATM 43  C CB1    . AIB A 1 2 ? 1.76177   2.17869   -4.20232 1.000 7.20851  ? 3   AIB A CB1    1 
HETATM 44  C CB2    . AIB A 1 2 ? 4.02108   1.12274   -4.33227 1.000 6.88314  ? 3   AIB A CB2    1 
HETATM 45  H H      . AIB A 1 2 ? 4.68439   3.21448   -3.38790 1.000 7.51105  ? 3   AIB A H      1 
HETATM 46  H HB11   . AIB A 1 2 ? 1.11227   2.86594   -3.60962 1.000 8.65416  ? 3   AIB A HB11   1 
HETATM 47  H HB12   . AIB A 1 2 ? 1.96186   2.63291   -5.20187 1.000 8.65416  ? 3   AIB A HB12   1 
HETATM 48  H HB13   . AIB A 1 2 ? 1.23620   1.20388   -4.34008 1.000 8.65416  ? 3   AIB A HB13   1 
HETATM 49  H HB21   . AIB A 1 2 ? 3.51896   0.16073   -4.59704 1.000 8.26371  ? 3   AIB A HB21   1 
HETATM 50  H HB22   . AIB A 1 2 ? 4.26093   1.69431   -5.26151 1.000 8.26371  ? 3   AIB A HB22   1 
HETATM 51  H HB23   . AIB A 1 2 ? 4.95820   0.91720   -3.76023 1.000 8.26371  ? 3   AIB A HB23   1 
ATOM   52  N N      . ALA A 1 3 ? 3.84639   1.11719   -1.30507 1.000 6.76608  ? 4   ALA A N      1 
ATOM   53  C CA     . ALA A 1 3 ? 3.72797   0.35942   -0.05930 1.000 7.92026  ? 4   ALA A CA     1 
ATOM   54  C C      . ALA A 1 3 ? 2.62234   0.91260   0.85092  1.000 7.55349  ? 4   ALA A C      1 
ATOM   55  O O      . ALA A 1 3 ? 1.90956   0.15516   1.50933  1.000 8.20216  ? 4   ALA A O      1 
ATOM   56  C CB     . ALA A 1 3 ? 5.05129   0.34973   0.68877  1.000 9.82789  ? 4   ALA A CB     1 
ATOM   57  H H      . ALA A 1 3 ? 4.60664   1.50379   -1.41532 1.000 8.12324  ? 4   ALA A H      1 
ATOM   58  H HA     . ALA A 1 3 ? 3.49315   -0.55303  -0.28992 1.000 9.50826  ? 4   ALA A HA     1 
ATOM   59  H HB1    . ALA A 1 3 ? 4.92843   -0.09485  1.54208  1.000 11.79742 ? 4   ALA A HB1    1 
ATOM   60  H HB2    . ALA A 1 3 ? 5.70985   -0.12666  0.15938  1.000 11.79742 ? 4   ALA A HB2    1 
ATOM   61  H HB3    . ALA A 1 3 ? 5.34033   1.26467   0.83106  1.000 11.79742 ? 4   ALA A HB3    1 
HETATM 62  N N      . AIB A 1 4 ? 2.51249   2.24127   0.90458  1.000 7.56039  ? 5   AIB A N      1 
HETATM 63  C CA     . AIB A 1 4 ? 1.52897   2.92160   1.72145  1.000 8.02885  ? 5   AIB A CA     1 
HETATM 64  C C      . AIB A 1 4 ? 0.11926   2.42604   1.37407  1.000 6.61033  ? 5   AIB A C      1 
HETATM 65  O O      . AIB A 1 4 ? -0.76024  2.31887   2.21171  1.000 7.16137  ? 5   AIB A O      1 
HETATM 66  C CB1    . AIB A 1 4 ? 1.81321   2.65292   3.22139  1.000 10.01341 ? 5   AIB A CB1    1 
HETATM 67  C CB2    . AIB A 1 4 ? 1.58967   4.42853   1.43012  1.000 8.63145  ? 5   AIB A CB2    1 
HETATM 68  H H      . AIB A 1 4 ? 3.26266   2.87033   0.69592  1.000 9.07642  ? 5   AIB A H      1 
HETATM 69  H HB11   . AIB A 1 4 ? 2.87041   2.92083   3.45802  1.000 12.02003 ? 5   AIB A HB11   1 
HETATM 70  H HB12   . AIB A 1 4 ? 1.12809   3.26948   3.85062  1.000 12.02003 ? 5   AIB A HB12   1 
HETATM 71  H HB13   . AIB A 1 4 ? 1.64815   1.57274   3.44815  1.000 12.02003 ? 5   AIB A HB13   1 
HETATM 72  H HB21   . AIB A 1 4 ? 0.90070   4.96305   2.12819  1.000 10.36168 ? 5   AIB A HB21   1 
HETATM 73  H HB22   . AIB A 1 4 ? 2.63666   4.78733   1.58095  1.000 10.36168 ? 5   AIB A HB22   1 
HETATM 74  H HB23   . AIB A 1 4 ? 1.27487   4.60878   0.37366  1.000 10.36168 ? 5   AIB A HB23   1 
ATOM   75  N N      A LEU A 1 5 ? -0.09873  2.16757   0.07335  0.670 5.96044  ? 6   LEU A N      1 
ATOM   76  N N      B LEU A 1 5 ? -0.09223  2.13777   0.08809  0.330 6.61725  ? 6   LEU A N      1 
ATOM   77  C CA     A LEU A 1 5 ? -1.37206  1.62839   -0.38583 0.670 5.88661  ? 6   LEU A CA     1 
ATOM   78  C CA     B LEU A 1 5 ? -1.38417  1.64634   -0.37540 0.330 6.77206  ? 6   LEU A CA     1 
ATOM   79  C C      A LEU A 1 5 ? -1.46185  0.11026   -0.20251 0.670 6.09496  ? 6   LEU A C      1 
ATOM   80  C C      B LEU A 1 5 ? -1.47857  0.11204   -0.26751 0.330 6.97346  ? 6   LEU A C      1 
ATOM   81  O O      A LEU A 1 5 ? -2.49679  -0.39901  0.24680  0.670 6.45562  ? 6   LEU A O      1 
ATOM   82  O O      B LEU A 1 5 ? -2.53745  -0.42375  0.05965  0.330 7.38112  ? 6   LEU A O      1 
ATOM   83  C CB     A LEU A 1 5 ? -1.60601  1.96230   -1.86915 0.670 6.07356  ? 6   LEU A CB     1 
ATOM   84  C CB     B LEU A 1 5 ? -1.64639  2.08739   -1.82821 0.330 7.07944  ? 6   LEU A CB     1 
ATOM   85  C CG     A LEU A 1 5 ? -1.45542  3.44978   -2.20412 0.670 6.86108  ? 6   LEU A CG     1 
ATOM   86  C CG     B LEU A 1 5 ? -2.30995  3.44779   -2.09318 0.330 7.61561  ? 6   LEU A CG     1 
ATOM   87  C CD1    A LEU A 1 5 ? -1.78224  3.69668   -3.66777 0.670 7.80568  ? 6   LEU A CD1    1 
ATOM   88  C CD1    B LEU A 1 5 ? -1.50059  4.57548   -1.43527 0.330 8.20024  ? 6   LEU A CD1    1 
ATOM   89  C CD2    A LEU A 1 5 ? -2.35029  4.28497   -1.30704 0.670 7.55869  ? 6   LEU A CD2    1 
ATOM   90  C CD2    B LEU A 1 5 ? -2.46286  3.68533   -3.58820 0.330 8.16320  ? 6   LEU A CD2    1 
ATOM   91  H H      A LEU A 1 5 ? 0.47674   2.29797   -0.55231 0.670 7.15647  ? 6   LEU A H      1 
ATOM   92  H H      B LEU A 1 5 ? 0.49777   2.21932   -0.53228 0.330 7.94465  ? 6   LEU A H      1 
ATOM   93  H HA     A LEU A 1 5 ? -2.06988  2.03959   0.14790  0.670 7.06788  ? 6   LEU A HA     1 
ATOM   94  H HA     B LEU A 1 5 ? -2.07643  2.02752   0.18708  0.330 8.13042  ? 6   LEU A HA     1 
ATOM   95  H HB2    A LEU A 1 5 ? -0.96124  1.47215   -2.40294 0.670 7.29221  ? 6   LEU A HB2    1 
ATOM   96  H HB2    B LEU A 1 5 ? -0.78999  2.10837   -2.28322 0.330 8.49928  ? 6   LEU A HB2    1 
ATOM   97  H HB3    A LEU A 1 5 ? -2.50701  1.69483   -2.10901 0.670 7.29221  ? 6   LEU A HB3    1 
ATOM   98  H HB3    B LEU A 1 5 ? -2.22137  1.41979   -2.23392 0.330 8.49928  ? 6   LEU A HB3    1 
ATOM   99  H HG     A LEU A 1 5 ? -0.53712  3.72197   -2.05070 0.670 8.23724  ? 6   LEU A HG     1 
ATOM   100 H HG     B LEU A 1 5 ? -3.19760  3.45201   -1.70205 0.330 9.14267  ? 6   LEU A HG     1 
ATOM   101 H HD11   A LEU A 1 5 ? -1.70207  4.64533   -3.85358 0.670 9.37077  ? 6   LEU A HD11   1 
ATOM   102 H HD11   B LEU A 1 5 ? -1.71632  5.41477   -1.87111 0.330 9.84424  ? 6   LEU A HD11   1 
ATOM   103 H HD12   A LEU A 1 5 ? -1.15917  3.19783   -4.21898 0.670 9.37077  ? 6   LEU A HD12   1 
ATOM   104 H HD12   B LEU A 1 5 ? -1.73152  4.62244   -0.49434 0.330 9.84424  ? 6   LEU A HD12   1 
ATOM   105 H HD13   A LEU A 1 5 ? -2.68921  3.40076   -3.84309 0.670 9.37077  ? 6   LEU A HD13   1 
ATOM   106 H HD13   B LEU A 1 5 ? -0.55473  4.38474   -1.53461 0.330 9.84424  ? 6   LEU A HD13   1 
ATOM   107 H HD21   A LEU A 1 5 ? -2.01801  4.23733   -0.39698 0.670 9.07437  ? 6   LEU A HD21   1 
ATOM   108 H HD21   B LEU A 1 5 ? -3.40703  3.73190   -3.80563 0.330 9.79979  ? 6   LEU A HD21   1 
ATOM   109 H HD22   A LEU A 1 5 ? -2.33761  5.20434   -1.61610 0.670 9.07437  ? 6   LEU A HD22   1 
ATOM   110 H HD22   B LEU A 1 5 ? -2.02815  4.52053   -3.82136 0.330 9.79979  ? 6   LEU A HD22   1 
ATOM   111 H HD23   A LEU A 1 5 ? -3.25389  3.93466   -1.34803 0.670 9.07437  ? 6   LEU A HD23   1 
ATOM   112 H HD23   B LEU A 1 5 ? -2.04862  2.95146   -4.06856 0.330 9.79979  ? 6   LEU A HD23   1 
HETATM 113 N N      . AIB A 1 6 ? -0.37050  -0.57202  -0.54300 1.000 6.78364  ? 7   AIB A N      1 
HETATM 114 C CA     . AIB A 1 6 ? -0.30696  -2.02590  -0.59385 1.000 7.45964  ? 7   AIB A CA     1 
HETATM 115 C C      . AIB A 1 6 ? -0.63082  -2.64895  0.76715  1.000 6.28371  ? 7   AIB A C      1 
HETATM 116 O O      . AIB A 1 6 ? -1.05752  -3.79681  0.85268  1.000 6.72712  ? 7   AIB A O      1 
HETATM 117 C CB1    . AIB A 1 6 ? -1.28154  -2.62313  -1.63224 1.000 8.88879  ? 7   AIB A CB1    1 
HETATM 118 C CB2    . AIB A 1 6 ? 1.13189   -2.45088  -0.90838 1.000 8.34849  ? 7   AIB A CB2    1 
HETATM 119 H H      . AIB A 1 6 ? 0.55825   -0.20988  -0.45199 1.000 8.14431  ? 7   AIB A H      1 
HETATM 120 H HB11   . AIB A 1 6 ? -2.33353  -2.40624  -1.32939 1.000 10.67049 ? 7   AIB A HB11   1 
HETATM 121 H HB12   . AIB A 1 6 ? -1.08698  -2.17179  -2.63418 1.000 10.67049 ? 7   AIB A HB12   1 
HETATM 122 H HB13   . AIB A 1 6 ? -1.13671  -3.72806  -1.69240 1.000 10.67049 ? 7   AIB A HB13   1 
HETATM 123 H HB21   . AIB A 1 6 ? 1.17550   -3.56461  -0.98183 1.000 10.02214 ? 7   AIB A HB21   1 
HETATM 124 H HB22   . AIB A 1 6 ? 1.44340   -1.99375  -1.87879 1.000 10.02214 ? 7   AIB A HB22   1 
HETATM 125 H HB23   . AIB A 1 6 ? 1.80393   -2.09766  -0.08906 1.000 10.02214 ? 7   AIB A HB23   1 
ATOM   126 N N      . GLN A 1 7 ? -0.45407  -1.89289  1.84861  1.000 5.99892  ? 8   GLN A N      1 
ATOM   127 C CA     . GLN A 1 7 ? -0.77907  -2.43181  3.15414  1.000 5.83460  ? 8   GLN A CA     1 
ATOM   128 C C      . GLN A 1 7 ? -2.23715  -2.87966  3.24346  1.000 5.57892  ? 8   GLN A C      1 
ATOM   129 O O      . GLN A 1 7 ? -2.54651  -3.75713  4.04220  1.000 6.19644  ? 8   GLN A O      1 
ATOM   130 C CB     . GLN A 1 7 ? -0.47661  -1.41827  4.27233  1.000 5.80786  ? 8   GLN A CB     1 
ATOM   131 C CG     . GLN A 1 7 ? -1.38426  -0.21373  4.26150  1.000 5.93415  ? 8   GLN A CG     1 
ATOM   132 C CD     . GLN A 1 7 ? -1.07240  0.73984   5.39900  1.000 5.74963  ? 8   GLN A CD     1 
ATOM   133 O OE1    . GLN A 1 7 ? -0.97742  0.34586   6.56580  1.000 6.30411  ? 8   GLN A OE1    1 
ATOM   134 N NE2    . GLN A 1 7 ? -0.91356  2.00788   5.06481  1.000 7.00829  ? 8   GLN A NE2    1 
ATOM   135 H H      . GLN A 1 7 ? -0.15487  -1.08662  1.84660  1.000 7.20265  ? 8   GLN A H      1 
ATOM   136 H HA     . GLN A 1 7 ? -0.21899  -3.21098  3.29597  1.000 7.00546  ? 8   GLN A HA     1 
ATOM   137 H HB2    . GLN A 1 7 ? -0.58036  -1.85969  5.12983  1.000 6.97338  ? 8   GLN A HB2    1 
ATOM   138 H HB3    . GLN A 1 7 ? 0.43502   -1.10322  4.16952  1.000 6.97338  ? 8   GLN A HB3    1 
ATOM   139 H HG2    . GLN A 1 7 ? -1.27083  0.26414   3.42503  1.000 7.12493  ? 8   GLN A HG2    1 
ATOM   140 H HG3    . GLN A 1 7 ? -2.30440  -0.50632  4.35428  1.000 7.12493  ? 8   GLN A HG3    1 
ATOM   141 H HE21   . GLN A 1 7 ? -0.98856  2.24851   4.24257  1.000 8.41389  ? 8   GLN A HE21   1 
ATOM   142 H HE22   . GLN A 1 7 ? -0.73516  2.59283   5.66946  1.000 8.41389  ? 8   GLN A HE22   1 
HETATM 143 N N      . AIB A 1 8 ? -3.12577  -2.28241  2.44384  1.000 5.79410  ? 9   AIB A N      1 
HETATM 144 C CA     . AIB A 1 8 ? -4.53712  -2.65717  2.39338  1.000 6.55356  ? 9   AIB A CA     1 
HETATM 145 C C      . AIB A 1 8 ? -4.69754  -4.17324  2.07649  1.000 6.37114  ? 9   AIB A C      1 
HETATM 146 O O      . AIB A 1 8 ? -5.65968  -4.80247  2.49030  1.000 7.74477  ? 9   AIB A O      1 
HETATM 147 C CB1    . AIB A 1 8 ? -5.24901  -2.34293  3.71792  1.000 7.63012  ? 9   AIB A CB1    1 
HETATM 148 C CB2    . AIB A 1 8 ? -5.19108  -1.90678  1.23124  1.000 7.98829  ? 9   AIB A CB2    1 
HETATM 149 H H      . AIB A 1 8 ? -2.88020  -1.80606  1.59838  1.000 6.95686  ? 9   AIB A H      1 
HETATM 150 H HB11   . AIB A 1 8 ? -5.28474  -1.23837  3.87318  1.000 9.16009  ? 9   AIB A HB11   1 
HETATM 151 H HB12   . AIB A 1 8 ? -6.29003  -2.74411  3.69012  1.000 9.16009  ? 9   AIB A HB12   1 
HETATM 152 H HB13   . AIB A 1 8 ? -4.69547  -2.81535  4.56402  1.000 9.16009  ? 9   AIB A HB13   1 
HETATM 153 H HB21   . AIB A 1 8 ? -4.92878  -0.82338  1.30293  1.000 9.58990  ? 9   AIB A HB21   1 
HETATM 154 H HB22   . AIB A 1 8 ? -4.81302  -2.32614  0.26745  1.000 9.58990  ? 9   AIB A HB22   1 
HETATM 155 H HB23   . AIB A 1 8 ? -6.29911  -2.03416  1.29225  1.000 9.58990  ? 9   AIB A HB23   1 
ATOM   156 N N      A LEU A 1 9 ? -3.73045  -4.66569  1.28779  0.624 6.09587  ? 10  LEU A N      1 
ATOM   157 N N      B LEU A 1 9 ? -3.78141  -4.75708  1.30432  0.376 6.75906  ? 10  LEU A N      1 
ATOM   158 C CA     A LEU A 1 9 ? -3.66390  -6.05472  0.83602  0.624 6.38599  ? 10  LEU A CA     1 
ATOM   159 C CA     B LEU A 1 9 ? -3.89486  -6.18815  0.97447  0.376 7.12120  ? 10  LEU A CA     1 
ATOM   160 C C      A LEU A 1 9 ? -2.52456  -6.79779  1.51316  0.624 6.18258  ? 10  LEU A C      1 
ATOM   161 C C      B LEU A 1 9 ? -2.92656  -7.06045  1.77521  0.376 6.90345  ? 10  LEU A C      1 
ATOM   162 O O      A LEU A 1 9 ? -2.06040  -7.83669  1.07415  0.624 7.19922  ? 10  LEU A O      1 
ATOM   163 O O      B LEU A 1 9 ? -3.15008  -8.23393  2.03498  0.376 6.89563  ? 10  LEU A O      1 
ATOM   164 C CB     A LEU A 1 9 ? -3.47355  -6.10292  -0.68519 0.624 6.69479  ? 10  LEU A CB     1 
ATOM   165 C CB     B LEU A 1 9 ? -3.66446  -6.40098  -0.52553 0.376 7.06310  ? 10  LEU A CB     1 
ATOM   166 C CG     A LEU A 1 9 ? -4.46270  -5.25300  -1.48581 0.624 7.10016  ? 10  LEU A CG     1 
ATOM   167 C CG     B LEU A 1 9 ? -4.60826  -5.60355  -1.43380 0.376 6.97016  ? 10  LEU A CG     1 
ATOM   168 C CD1    A LEU A 1 9 ? -4.20077  -5.39409  -2.99267 0.624 8.02081  ? 10  LEU A CD1    1 
ATOM   169 C CD1    B LEU A 1 9 ? -4.28044  -5.86730  -2.89365 0.376 7.87746  ? 10  LEU A CD1    1 
ATOM   170 C CD2    A LEU A 1 9 ? -5.92472  -5.58122  -1.14640 0.624 8.00803  ? 10  LEU A CD2    1 
ATOM   171 C CD2    B LEU A 1 9 ? -6.07140  -5.93063  -1.15379 0.376 7.24105  ? 10  LEU A CD2    1 
ATOM   172 H H      A LEU A 1 9 ? -3.07659  -4.19242  0.99102  0.624 7.31899  ? 10  LEU A H      1 
ATOM   173 H H      B LEU A 1 9 ? -3.09862  -4.35976  0.96442  0.376 8.11481  ? 10  LEU A H      1 
ATOM   174 H HA     A LEU A 1 9 ? -4.49446  -6.50133  1.06320  0.624 7.66713  ? 10  LEU A HA     1 
ATOM   175 H HA     B LEU A 1 9 ? -4.79118  -6.47825  1.20549  0.376 8.54938  ? 10  LEU A HA     1 
ATOM   176 H HB2    A LEU A 1 9 ? -2.58091  -5.78512  -0.89278 0.624 8.03769  ? 10  LEU A HB2    1 
ATOM   177 H HB2    B LEU A 1 9 ? -2.75665  -6.13399  -0.73883 0.376 8.47967  ? 10  LEU A HB2    1 
ATOM   178 H HB3    A LEU A 1 9 ? -3.57487  -7.02212  -0.97795 0.624 8.03769  ? 10  LEU A HB3    1 
ATOM   179 H HB3    B LEU A 1 9 ? -3.78938  -7.34176  -0.72609 0.376 8.47967  ? 10  LEU A HB3    1 
ATOM   180 H HG     A LEU A 1 9 ? -4.32554  -4.32532  -1.23782 0.624 8.52414  ? 10  LEU A HG     1 
ATOM   181 H HG     B LEU A 1 9 ? -4.48236  -4.65970  -1.24887 0.376 8.36814  ? 10  LEU A HG     1 
ATOM   182 H HD11   A LEU A 1 9 ? -4.85036  -4.86118  -3.47737 0.624 9.62892  ? 10  LEU A HD11   1 
ATOM   183 H HD11   B LEU A 1 9 ? -4.93298  -5.41467  -3.45062 0.376 9.45689  ? 10  LEU A HD11   1 
ATOM   184 H HD12   A LEU A 1 9 ? -3.30387  -5.08059  -3.18802 0.624 9.62892  ? 10  LEU A HD12   1 
ATOM   185 H HD12   B LEU A 1 9 ? -3.39156  -5.52877  -3.08386 0.376 9.45689  ? 10  LEU A HD12   1 
ATOM   186 H HD13   A LEU A 1 9 ? -4.28656  -6.32755  -3.24207 0.624 9.62892  ? 10  LEU A HD13   1 
ATOM   187 H HD13   B LEU A 1 9 ? -4.31237  -6.82295  -3.05681 0.376 9.45689  ? 10  LEU A HD13   1 
ATOM   188 H HD21   A LEU A 1 9 ? -6.08592  -5.37547  -0.21228 0.624 9.61358  ? 10  LEU A HD21   1 
ATOM   189 H HD21   B LEU A 1 9 ? -6.31771  -5.56256  -0.29079 0.376 8.69320  ? 10  LEU A HD21   1 
ATOM   190 H HD22   A LEU A 1 9 ? -6.50709  -5.04632  -1.70820 0.624 9.61358  ? 10  LEU A HD22   1 
ATOM   191 H HD22   B LEU A 1 9 ? -6.62149  -5.53843  -1.84985 0.376 8.69320  ? 10  LEU A HD22   1 
ATOM   192 H HD23   A LEU A 1 9 ? -6.08271  -6.52428  -1.30942 0.624 9.61358  ? 10  LEU A HD23   1 
ATOM   193 H HD23   B LEU A 1 9 ? -6.18388  -6.89405  -1.14678 0.376 8.69320  ? 10  LEU A HD23   1 
HETATM 194 C C11    A I77 B 2 . ? 1.50269   -8.30327  3.98604  0.656 7.50057  ? 101 I77 A C11    1 
HETATM 195 C C11    B I77 B 2 . ? 2.44137   -8.48143  2.72938  0.344 8.91423  ? 101 I77 A C11    1 
HETATM 196 C C12    A I77 B 2 . ? 0.31276   -8.33715  4.70320  0.656 6.72105  ? 101 I77 A C12    1 
HETATM 197 C C12    B I77 B 2 . ? 1.20840   -8.13134  3.23908  0.344 7.93048  ? 101 I77 A C12    1 
HETATM 198 C C13    A I77 B 2 . ? -1.00340  -7.91266  4.11670  0.656 6.74371  ? 101 I77 A C13    1 
HETATM 199 C C13    B I77 B 2 . ? 0.09954   -7.69934  2.30037  0.344 8.13786  ? 101 I77 A C13    1 
HETATM 200 C C17    A I77 B 2 . ? 0.31518   -8.75395  6.01353  0.656 6.53751  ? 101 I77 A C17    1 
HETATM 201 C C17    B I77 B 2 . ? 0.98151   -8.11316  4.62022  0.344 7.38640  ? 101 I77 A C17    1 
HETATM 202 C C18    A I77 B 2 . ? 1.48418   -9.16103  6.58892  0.656 6.07354  ? 101 I77 A C18    1 
HETATM 203 C C18    B I77 B 2 . ? 2.00704   -8.49052  5.44962  0.344 7.07806  ? 101 I77 A C18    1 
HETATM 204 C C02    A I77 B 2 . ? 7.55916   -10.77193 8.17340  0.656 6.44695  ? 101 I77 A C02    1 
HETATM 205 C C02    B I77 B 2 . ? 7.55881   -10.55172 8.21673  0.344 7.28476  ? 101 I77 A C02    1 
HETATM 206 C C03    A I77 B 2 . ? 6.20424   -10.37271 7.60242  0.656 5.95615  ? 101 I77 A C03    1 
HETATM 207 C C03    B I77 B 2 . ? 6.35471   -10.09062 7.35864  0.344 8.61570  ? 101 I77 A C03    1 
HETATM 208 C C04    A I77 B 2 . ? 6.21346   -9.93592  6.30614  0.656 6.93694  ? 101 I77 A C04    1 
HETATM 209 C C04    B I77 B 2 . ? 6.62903   -9.72404  6.05169  0.344 9.45450  ? 101 I77 A C04    1 
HETATM 210 C C05    A I77 B 2 . ? 5.02730   -9.54405  5.74614  0.656 6.87456  ? 101 I77 A C05    1 
HETATM 211 C C05    B I77 B 2 . ? 5.58000   -9.31340  5.25682  0.344 9.04593  ? 101 I77 A C05    1 
HETATM 212 C C06    A I77 B 2 . ? 5.01452   -10.41219 8.32093  0.656 6.48093  ? 101 I77 A C06    1 
HETATM 213 C C06    B I77 B 2 . ? 5.04888   -10.03309 7.84105  0.344 8.76089  ? 101 I77 A C06    1 
HETATM 214 C C08    A I77 B 2 . ? 3.87846   -9.59469  6.49150  0.656 6.49328  ? 101 I77 A C08    1 
HETATM 215 C C08    B I77 B 2 . ? 4.31957   -9.26693  5.79786  0.344 8.12697  ? 101 I77 A C08    1 
HETATM 216 C C09    A I77 B 2 . ? 2.62096   -9.14638  5.82175  0.656 6.50430  ? 101 I77 A C09    1 
HETATM 217 C C09    B I77 B 2 . ? 3.21575   -8.83538  4.87710  0.344 7.75146  ? 101 I77 A C09    1 
HETATM 218 N N01    A I77 B 2 . ? 7.61832   -11.08083 9.55607  0.656 7.35648  ? 101 I77 A N01    1 
HETATM 219 N N01    B I77 B 2 . ? 7.32766   -11.07562 9.54127  0.344 7.24231  ? 101 I77 A N01    1 
HETATM 220 N N07    A I77 B 2 . ? 3.87450   -10.03437 7.74883  0.656 7.01766  ? 101 I77 A N07    1 
HETATM 221 N N07    B I77 B 2 . ? 4.07262   -9.62579  7.04554  0.344 8.73386  ? 101 I77 A N07    1 
HETATM 222 N N10    A I77 B 2 . ? 2.62935   -8.70818  4.56085  0.656 7.99861  ? 101 I77 A N10    1 
HETATM 223 N N10    B I77 B 2 . ? 3.40567   -8.83248  3.55764  0.344 8.72012  ? 101 I77 A N10    1 
HETATM 224 N N14    A I77 B 2 . ? -0.91049  -6.77034  3.30173  0.656 6.87655  ? 101 I77 A N14    1 
HETATM 225 N N14    B I77 B 2 . ? -0.81737  -6.78079  2.93138  0.344 7.32865  ? 101 I77 A N14    1 
HETATM 226 N N15    A I77 B 2 . ? -2.05270  -6.25120  2.73204  0.656 6.47085  ? 101 I77 A N15    1 
HETATM 227 N N15    B I77 B 2 . ? -1.86508  -6.22577  2.21126  0.344 6.80183  ? 101 I77 A N15    1 
HETATM 228 O O16    A I77 B 2 . ? -2.04802  -8.46179  4.28019  0.656 8.23544  ? 101 I77 A O16    1 
HETATM 229 O O16    B I77 B 2 . ? 0.00096   -8.05283  1.17206  0.344 9.46356  ? 101 I77 A O16    1 
HETATM 230 O O19    A I77 B 2 . ? 8.54264   -10.77341 7.48466  0.656 6.87659  ? 101 I77 A O19    1 
HETATM 231 O O19    B I77 B 2 . ? 8.66192   -10.50922 7.76073  0.344 7.13986  ? 101 I77 A O19    1 
HETATM 232 H H111   A I77 B 2 . ? 1.51123   -7.94956  2.96670  0.656 9.00463  ? 101 I77 A H111   1 
HETATM 233 H H111   B I77 B 2 . ? 2.61509   -8.46823  1.66454  0.344 10.70102 ? 101 I77 A H111   1 
HETATM 234 H H171   A I77 B 2 . ? -0.61044  -8.75927  6.58911  0.656 7.84895  ? 101 I77 A H171   1 
HETATM 235 H H171   B I77 B 2 . ? 0.01685   -7.80769  5.02546  0.344 8.86762  ? 101 I77 A H171   1 
HETATM 236 H H181   A I77 B 2 . ? 1.51337   -9.48775  7.62630  0.656 7.29219  ? 101 I77 A H181   1 
HETATM 237 H H181   B I77 B 2 . ? 1.87202   -8.51742  6.52888  0.344 8.49762  ? 101 I77 A H181   1 
HETATM 238 H H041   A I77 B 2 . ? 7.12714   -9.90136  5.74269  0.656 8.32828  ? 101 I77 A H041   1 
HETATM 239 H H041   B I77 B 2 . ? 7.63151   -9.75870  5.66788  0.344 11.34934 ? 101 I77 A H041   1 
HETATM 240 H H051   A I77 B 2 . ? 4.99688   -9.19631  4.72094  0.656 8.25341  ? 101 I77 A H051   1 
HETATM 241 H H051   B I77 B 2 . ? 5.74737   -9.03259  4.22433  0.344 10.85906 ? 101 I77 A H051   1 
HETATM 242 H H061   A I77 B 2 . ? 5.01595   -10.75091 9.34749  0.656 7.78107  ? 101 I77 A H061   1 
HETATM 243 H H061   B I77 B 2 . ? 4.83395   -10.31992 8.86089  0.344 10.51701 ? 101 I77 A H061   1 
HETATM 244 H H011   A I77 B 2 . ? 6.79031   -11.05306 10.11364 0.656 8.83172  ? 101 I77 A H011   1 
HETATM 245 H H011   B I77 B 2 . ? 6.40040   -11.11733 9.91217  0.344 8.69472  ? 101 I77 A H011   1 
HETATM 246 H H012   A I77 B 2 . ? 8.49525   -11.33902 9.98252  0.656 8.83172  ? 101 I77 A H012   1 
HETATM 247 H H012   B I77 B 2 . ? 8.10745   -11.38393 10.10028 0.344 8.69472  ? 101 I77 A H012   1 
HETATM 248 H H141   A I77 B 2 . ? -0.01836  -6.33598  3.13602  0.656 8.25580  ? 101 I77 A H141   1 
HETATM 249 H H141   B I77 B 2 . ? -0.69604  -6.54100  3.90083  0.344 8.79832  ? 101 I77 A H141   1 
HETATM 250 H H1     A I77 B 2 . ? -1.80172  -5.35172  2.36625  0.656 7.76896  ? 101 I77 A H1     1 
HETATM 251 H H1     B I77 B 2 . ? -1.84683  -5.24907  2.43055  0.344 8.16614  ? 101 I77 A H1     1 
HETATM 252 C C05    A I6W C 3 . ? 8.72591   3.05260   1.22929  0.604 7.96159  ? 102 I6W A C05    1 
HETATM 253 C C05    B I6W C 3 . ? 8.90443   3.64641   0.25215  0.396 9.26400  ? 102 I6W A C05    1 
HETATM 254 C C08    A I6W C 3 . ? 9.66451   3.24980   0.29383  0.604 7.30774  ? 102 I6W A C08    1 
HETATM 255 C C08    B I6W C 3 . ? 9.72455   3.90119   -0.80210 0.396 9.57325  ? 102 I6W A C08    1 
HETATM 256 C C09    A I6W C 3 . ? 11.05246  2.79912   0.65720  0.604 7.36376  ? 102 I6W A C09    1 
HETATM 257 C C09    B I6W C 3 . ? 11.20206  3.54721   -0.67696 0.396 10.53483 ? 102 I6W A C09    1 
HETATM 258 N N10    A I6W C 3 . ? 11.30816  2.19465   1.81141  0.604 8.80696  ? 102 I6W A N10    1 
HETATM 259 N N10    B I6W C 3 . ? 11.66712  2.98095   0.41194  0.396 11.21307 ? 102 I6W A N10    1 
HETATM 260 C C02    A I6W C 3 . ? 5.66590   4.28902   -0.53591 0.604 6.27220  ? 102 I6W A C02    1 
HETATM 261 C C02    B I6W C 3 . ? 5.55857   4.76983   -1.08597 0.396 7.78551  ? 102 I6W A C02    1 
HETATM 262 C C03    A I6W C 3 . ? 7.12425   3.95508   -0.30040 0.604 6.95990  ? 102 I6W A C03    1 
HETATM 263 C C03    B I6W C 3 . ? 7.06617   4.47998   -1.02231 0.396 8.38044  ? 102 I6W A C03    1 
HETATM 264 C C04    A I6W C 3 . ? 7.42910   3.42208   0.93528  0.604 8.09690  ? 102 I6W A C04    1 
HETATM 265 C C04    B I6W C 3 . ? 7.53897   3.94451   0.15854  0.396 9.18019  ? 102 I6W A C04    1 
HETATM 266 C C06    A I6W C 3 . ? 8.12757   4.13183   -1.23735 0.604 6.70129  ? 102 I6W A C06    1 
HETATM 267 C C06    B I6W C 3 . ? 7.94337   4.73078   -2.06225 0.396 8.76433  ? 102 I6W A C06    1 
HETATM 268 C C11    A I6W C 3 . ? 12.52898  1.76885   2.11060  0.604 8.69217  ? 102 I6W A C11    1 
HETATM 269 C C11    B I6W C 3 . ? 12.93529  2.64117   0.55000  0.396 11.40101 ? 102 I6W A C11    1 
HETATM 270 C C12    A I6W C 3 . ? 13.54856  1.92825   1.20495  0.604 7.54234  ? 102 I6W A C12    1 
HETATM 271 C C12    B I6W C 3 . ? 13.81480  2.85618   -0.49475 0.396 11.79199 ? 102 I6W A C12    1 
HETATM 272 C C13    A I6W C 3 . ? 14.94676  1.41175   1.55634  0.604 7.64481  ? 102 I6W A C13    1 
HETATM 273 C C13    B I6W C 3 . ? 15.31974  2.47679   -0.40448 0.396 12.77532 ? 102 I6W A C13    1 
HETATM 274 C C15    A I6W C 3 . ? 17.18144  1.26874   0.78074  0.604 8.33918  ? 102 I6W A C15    1 
HETATM 275 C C15    B I6W C 3 . ? 17.49780  2.46142   -1.41629 0.396 14.08230 ? 102 I6W A C15    1 
HETATM 276 C C16    A I6W C 3 . ? 18.00594  1.81377   -0.39975 0.604 8.95196  ? 102 I6W A C16    1 
HETATM 277 C C16    B I6W C 3 . ? 18.12512  2.59191   -2.82567 0.396 14.66435 ? 102 I6W A C16    1 
HETATM 278 C C18    A I6W C 3 . ? 13.30088  2.52244   -0.00588 0.604 7.21478  ? 102 I6W A C18    1 
HETATM 279 C C18    B I6W C 3 . ? 13.36576  3.41833   -1.65954 0.396 11.30357 ? 102 I6W A C18    1 
HETATM 280 C C19    A I6W C 3 . ? 12.01414  2.95667   -0.29088 0.604 6.95656  ? 102 I6W A C19    1 
HETATM 281 C C19    B I6W C 3 . ? 12.02103  3.75737   -1.75394 0.396 10.86750 ? 102 I6W A C19    1 
HETATM 282 N N07    A I6W C 3 . ? 9.37143   3.76337   -0.91917 0.604 7.49975  ? 102 I6W A N07    1 
HETATM 283 N N07    B I6W C 3 . ? 9.24384   4.43859   -1.93251 0.396 9.50970  ? 102 I6W A N07    1 
HETATM 284 O O01    A I6W C 3 . ? 4.82766   3.68802   0.09105  0.604 6.93769  ? 102 I6W A O01    1 
HETATM 285 O O01    B I6W C 3 . ? 4.86996   4.12876   -0.33367 0.396 8.40664  ? 102 I6W A O01    1 
HETATM 286 O O14    A I6W C 3 . ? 15.86369  1.73922   0.55709  0.604 8.30587  ? 102 I6W A O14    1 
HETATM 287 O O14    B I6W C 3 . ? 16.10699  2.79038   -1.54211 0.396 13.49115 ? 102 I6W A O14    1 
HETATM 288 O O17    A I6W C 3 . ? 15.21252  0.78472   2.52336  0.604 9.07688  ? 102 I6W A O17    1 
HETATM 289 O O17    B I6W C 3 . ? 15.76746  1.95195   0.54838  0.396 13.31513 ? 102 I6W A O17    1 
HETATM 290 H H051   A I6W C 3 . ? 8.97428   2.62210   2.17460  0.604 9.55785  ? 102 I6W A H051   1 
HETATM 291 H H051   B I6W C 3 . ? 9.30025   3.22060   1.14805  0.396 11.12075 ? 102 I6W A H051   1 
HETATM 292 H H041   A I6W C 3 . ? 6.62220   3.28934   1.70059  0.604 9.72022  ? 102 I6W A H041   1 
HETATM 293 H H041   B I6W C 3 . ? 6.84828   3.75352   1.01928  0.396 11.02018 ? 102 I6W A H041   1 
HETATM 294 H H061   A I6W C 3 . ? 7.90772   4.56101   -2.21042 0.604 8.04550  ? 102 I6W A H061   1 
HETATM 295 H H061   B I6W C 3 . ? 7.57570   5.16609   -2.98676 0.396 10.52114 ? 102 I6W A H061   1 
HETATM 296 H H111   A I6W C 3 . ? 12.71747  1.30480   3.05046  0.604 10.43455 ? 102 I6W A H111   1 
HETATM 297 H H111   B I6W C 3 . ? 13.27829  2.20484   1.45895  0.396 13.68516 ? 102 I6W A H111   1 
HETATM 298 H H152   A I6W C 3 . ? 17.20158  0.18596   0.78983  0.604 10.01096 ? 102 I6W A H152   1 
HETATM 299 H H152   B I6W C 3 . ? 17.60753  1.44664   -1.05424 0.396 16.90270 ? 102 I6W A H152   1 
HETATM 300 H H151   A I6W C 3 . ? 17.56590  1.64820   1.71940  0.604 10.01096 ? 102 I6W A H151   1 
HETATM 301 H H151   B I6W C 3 . ? 17.98046  3.14703   -0.73083 0.396 16.90270 ? 102 I6W A H151   1 
HETATM 302 H H162   A I6W C 3 . ? 17.58213  1.43758   -1.34954 0.604 10.74630 ? 102 I6W A H162   1 
HETATM 303 H H162   B I6W C 3 . ? 17.51022  2.03285   -3.55547 0.396 17.60117 ? 102 I6W A H162   1 
HETATM 304 H H163   A I6W C 3 . ? 19.05453  1.47543   -0.30368 0.604 10.74630 ? 102 I6W A H163   1 
HETATM 305 H H163   B I6W C 3 . ? 19.15030  2.17711   -2.81211 0.396 17.60117 ? 102 I6W A H163   1 
HETATM 306 H H161   A I6W C 3 . ? 17.97255  2.91925   -0.39274 0.604 10.74630 ? 102 I6W A H161   1 
HETATM 307 H H161   B I6W C 3 . ? 18.16227  3.65882   -3.11470 0.396 17.60117 ? 102 I6W A H161   1 
HETATM 308 H H181   A I6W C 3 . ? 14.10165  2.65214   -0.73393 0.604 8.66168  ? 102 I6W A H181   1 
HETATM 309 H H181   B I6W C 3 . ? 14.04522  3.59610   -2.49310 0.396 13.56823 ? 102 I6W A H181   1 
HETATM 310 H H191   A I6W C 3 . ? 11.78035  3.41259   -1.25069 0.604 8.35182  ? 102 I6W A H191   1 
HETATM 311 H H191   B I6W C 3 . ? 11.62415  4.18455   -2.67249 0.396 13.04495 ? 102 I6W A H191   1 
HETATM 312 C CB     A PYJ D 4 . ? -9.42909  -10.98692 -0.31252 0.466 10.17718 ? 103 PYJ A CB     1 
HETATM 313 C CB     B PYJ D 4 . ? -10.40792 -10.29902 -1.27872 0.534 26.31703 ? 103 PYJ A CB     1 
HETATM 314 C CX     A PYJ D 4 . ? -10.49551 -11.75946 -1.08655 0.466 10.44477 ? 103 PYJ A CX     1 
HETATM 315 C CX     B PYJ D 4 . ? -10.47036 -9.05834  -0.41188 0.534 26.67708 ? 103 PYJ A CX     1 
HETATM 316 C CG     A PYJ D 4 . ? -8.56804  -10.18792 -1.24478 0.466 9.40993  ? 103 PYJ A CG     1 
HETATM 317 C CG     B PYJ D 4 . ? -8.95779  -10.27240 -1.56834 0.534 25.80947 ? 103 PYJ A CG     1 
HETATM 318 C CD1    A PYJ D 4 . ? -8.97840  -8.93269  -1.68676 0.466 9.82233  ? 103 PYJ A CD1    1 
HETATM 319 C CD1    B PYJ D 4 . ? -8.49178  -9.66091  -2.71767 0.534 25.63762 ? 103 PYJ A CD1    1 
HETATM 320 C CD2    A PYJ D 4 . ? -7.35702  -10.67578 -1.71073 0.466 8.74268  ? 103 PYJ A CD2    1 
HETATM 321 C CD2    B PYJ D 4 . ? -8.06375  -10.77130 -0.63132 0.534 25.49930 ? 103 PYJ A CD2    1 
HETATM 322 C CE1    A PYJ D 4 . ? -8.21616  -8.17665  -2.55351 0.466 9.50101  ? 103 PYJ A CE1    1 
HETATM 323 C CE1    B PYJ D 4 . ? -7.13298  -9.59668  -2.96670 0.534 25.44503 ? 103 PYJ A CE1    1 
HETATM 324 C CE2    A PYJ D 4 . ? -6.58976  -9.92098  -2.57823 0.466 8.50934  ? 103 PYJ A CE2    1 
HETATM 325 C CE2    B PYJ D 4 . ? -6.70433  -10.70449 -0.87234 0.534 25.31393 ? 103 PYJ A CE2    1 
HETATM 326 C CZ     A PYJ D 4 . ? -7.01257  -8.67810  -3.01153 0.466 9.12303  ? 103 PYJ A CZ     1 
HETATM 327 C CZ     B PYJ D 4 . ? -6.23751  -10.11618 -2.04340 0.534 25.32356 ? 103 PYJ A CZ     1 
HETATM 328 H HCB1   A PYJ D 4 . ? -9.85442  -10.40017 0.33223  0.466 12.21657 ? 103 PYJ A HCB1   1 
HETATM 329 H HCB1   B PYJ D 4 . ? -10.69094 -11.10138 -0.81286 0.534 31.58438 ? 103 PYJ A HCB1   1 
HETATM 330 H HCB2   A PYJ D 4 . ? -8.88253  -11.60582 0.19655  0.466 12.21657 ? 103 PYJ A HCB2   1 
HETATM 331 H HCB2   B PYJ D 4 . ? -10.95883 -10.23344 -2.07440 0.534 31.58438 ? 103 PYJ A HCB2   1 
HETATM 332 H HCX1   A PYJ D 4 . ? -10.90815 -12.43518 -0.52616 0.466 12.53767 ? 103 PYJ A HCX1   1 
HETATM 333 H HCX1   B PYJ D 4 . ? -11.20933 -8.48840  -0.67644 0.534 32.01645 ? 103 PYJ A HCX1   1 
HETATM 334 H HCX2   A PYJ D 4 . ? -11.19339 -11.16409 -1.40183 0.466 12.53767 ? 103 PYJ A HCX2   1 
HETATM 335 H HCX2   B PYJ D 4 . ? -10.59237 -9.29404  0.52110  0.534 32.01645 ? 103 PYJ A HCX2   1 
HETATM 336 H HCX3   A PYJ D 4 . ? -10.10943 -12.20390 -1.85746 0.466 12.53767 ? 103 PYJ A HCX3   1 
HETATM 337 H HCX3   B PYJ D 4 . ? -9.65215  -8.54272  -0.48653 0.534 32.01645 ? 103 PYJ A HCX3   1 
HETATM 338 H HCD1   A PYJ D 4 . ? -9.79155  -8.59461  -1.38778 0.466 11.79074 ? 103 PYJ A HCD1   1 
HETATM 339 H HCD1   B PYJ D 4 . ? -9.09392  -9.29271  -3.32328 0.534 30.76909 ? 103 PYJ A HCD1   1 
HETATM 340 H HCD2   A PYJ D 4 . ? -7.06099  -11.51411 -1.43783 0.466 10.49517 ? 103 PYJ A HCD2   1 
HETATM 341 H HCD2   B PYJ D 4 . ? -8.38031  -11.14969 0.15703  0.534 30.60310 ? 103 PYJ A HCD2   1 
HETATM 342 H HCE1   A PYJ D 4 . ? -8.51090  -7.33773  -2.82600 0.466 11.40516 ? 103 PYJ A HCE1   1 
HETATM 343 H HCE1   B PYJ D 4 . ? -6.82199  -9.20606  -3.75130 0.534 30.53798 ? 103 PYJ A HCE1   1 
HETATM 344 H HCE2   A PYJ D 4 . ? -5.77474  -10.25665 -2.87480 0.466 10.21516 ? 103 PYJ A HCE2   1 
HETATM 345 H HCE2   B PYJ D 4 . ? -6.10463  -11.05228 -0.25242 0.534 30.38066 ? 103 PYJ A HCE2   1 
HETATM 346 H HCZ1   A PYJ D 4 . ? -6.49289  -8.18500  -3.60456 0.466 10.95159 ? 103 PYJ A HCZ1   1 
HETATM 347 H HCZ1   B PYJ D 4 . ? -5.32322  -10.07110 -2.20757 0.534 30.39222 ? 103 PYJ A HCZ1   1 
HETATM 348 C C1     A PXY E 5 . ? 12.01016  -4.81990  7.98264  0.385 23.79866 ? 104 PXY A C1     1 
HETATM 349 C C2     A PXY E 5 . ? 13.32788  -5.08591  8.32925  0.385 23.71251 ? 104 PXY A C2     1 
HETATM 350 C C3     A PXY E 5 . ? 13.68982  -5.20881  9.65672  0.385 23.57357 ? 104 PXY A C3     1 
HETATM 351 C C4     A PXY E 5 . ? 12.73666  -5.05531  10.65723 0.385 23.47346 ? 104 PXY A C4     1 
HETATM 352 C C5     A PXY E 5 . ? 11.42605  -4.77880  10.29025 0.385 23.54842 ? 104 PXY A C5     1 
HETATM 353 C C6     A PXY E 5 . ? 11.06455  -4.65905  8.96876  0.385 23.74288 ? 104 PXY A C6     1 
HETATM 354 C "C1'"  A PXY E 5 . ? 11.58980  -4.67782  6.57440  0.385 24.04630 ? 104 PXY A "C1'"  1 
HETATM 355 C "C4'"  A PXY E 5 . ? 13.10600  -5.17755  12.10086 0.385 23.55775 ? 104 PXY A "C4'"  1 
HETATM 356 H H2     A PXY E 5 . ? 13.97149  -5.18212  7.66487  0.385 28.45895 ? 104 PXY A H2     1 
HETATM 357 H H3     A PXY E 5 . ? 14.57315  -5.39463  9.88056  0.385 28.29223 ? 104 PXY A H3     1 
HETATM 358 H H5     A PXY E 5 . ? 10.77935  -4.67231  10.95006 0.385 28.26205 ? 104 PXY A H5     1 
HETATM 359 H H6     A PXY E 5 . ? 10.18234  -4.46969  8.74347  0.385 28.49540 ? 104 PXY A H6     1 
HETATM 360 H "H1'1" A PXY E 5 . ? 12.15147  -5.20785  5.98748  0.385 28.85951 ? 104 PXY A "H1'1" 1 
HETATM 361 H "H1'2" A PXY E 5 . ? 11.64668  -3.75379  6.28486  0.385 28.85951 ? 104 PXY A "H1'2" 1 
HETATM 362 H "H1'3" A PXY E 5 . ? 10.67325  -4.97110  6.45262  0.385 28.85951 ? 104 PXY A "H1'3" 1 
HETATM 363 H "H4'1" A PXY E 5 . ? 12.59069  -4.56308  12.64655 0.385 28.27325 ? 104 PXY A "H4'1" 1 
HETATM 364 H "H4'2" A PXY E 5 . ? 12.94065  -6.07528  12.42896 0.385 28.27325 ? 104 PXY A "H4'2" 1 
HETATM 365 H "H4'3" A PXY E 5 . ? 14.04557  -4.98000  12.23902 0.385 28.27325 ? 104 PXY A "H4'3" 1 
HETATM 366 C C      A MBN F 6 . ? 0.52775   -10.84382 1.33316  0.671 27.57767 ? 105 MBN A C      1 
HETATM 367 C C      B MBN F 6 . ? 0.86968   -14.26943 -1.43239 0.329 24.17789 ? 105 MBN A C      1 
HETATM 368 C C1     A MBN F 6 . ? 1.39924   -12.00239 0.93909  0.671 28.01338 ? 105 MBN A C1     1 
HETATM 369 C C1     B MBN F 6 . ? 1.56092   -13.33760 -0.47737 0.329 24.34424 ? 105 MBN A C1     1 
HETATM 370 C C2     A MBN F 6 . ? 2.52649   -12.35326 1.68453  0.671 28.10461 ? 105 MBN A C2     1 
HETATM 371 C C2     B MBN F 6 . ? 1.00028   -12.10514 -0.14427 0.329 24.27332 ? 105 MBN A C2     1 
HETATM 372 C C3     A MBN F 6 . ? 3.31887   -13.43364 1.31543  0.671 28.50088 ? 105 MBN A C3     1 
HETATM 373 C C3     B MBN F 6 . ? 1.63796   -11.24497 0.73803  0.329 24.40569 ? 105 MBN A C3     1 
HETATM 374 C C4     A MBN F 6 . ? 3.00200   -14.18555 0.19158  0.671 28.83347 ? 105 MBN A C4     1 
HETATM 375 C C4     B MBN F 6 . ? 2.85219   -11.60814 1.30243  0.329 24.50339 ? 105 MBN A C4     1 
HETATM 376 C C5     A MBN F 6 . ? 1.88613   -13.84396 -0.56012 0.671 28.80062 ? 105 MBN A C5     1 
HETATM 377 C C5     B MBN F 6 . ? 3.41830   -12.83309 0.98663  0.329 24.52360 ? 105 MBN A C5     1 
HETATM 378 C C6     A MBN F 6 . ? 1.09688   -12.76145 -0.18959 0.671 28.45082 ? 105 MBN A C6     1 
HETATM 379 C C6     B MBN F 6 . ? 2.77779   -13.68807 0.10269  0.329 24.49169 ? 105 MBN A C6     1 
HETATM 380 H H1     A MBN F 6 . ? 0.60880   -10.64196 2.27845  0.671 33.09715 ? 105 MBN A H1     1 
HETATM 381 H H1     B MBN F 6 . ? -0.01894  -14.50359 -1.12186 0.329 29.01742 ? 105 MBN A H1     1 
HETATM 382 H H2A    A MBN F 6 . ? 0.76238   -10.03895 0.84528  0.671 33.09715 ? 105 MBN A H2A    1 
HETATM 383 H H2A    B MBN F 6 . ? 1.36356   -15.09684 -1.54368 0.329 29.01742 ? 105 MBN A H2A    1 
HETATM 384 H H3A    A MBN F 6 . ? -0.40854  -11.02555 1.15637  0.671 33.09715 ? 105 MBN A H3A    1 
HETATM 385 H H3A    B MBN F 6 . ? 0.77229   -13.87127 -2.31152 0.329 29.01742 ? 105 MBN A H3A    1 
HETATM 386 H H2     A MBN F 6 . ? 2.74910   -11.85622 2.43838  0.671 33.72948 ? 105 MBN A H2     1 
HETATM 387 H H2     B MBN F 6 . ? 0.18649   -11.85709 -0.51991 0.329 29.13193 ? 105 MBN A H2     1 
HETATM 388 H H3     A MBN F 6 . ? 4.06524   -13.65295 1.82506  0.671 34.20501 ? 105 MBN A H3     1 
HETATM 389 H H3     B MBN F 6 . ? 1.25054   -10.42644 0.94970  0.329 29.29077 ? 105 MBN A H3     1 
HETATM 390 H H4     A MBN F 6 . ? 3.53148   -14.90950 -0.05427 0.671 34.60411 ? 105 MBN A H4     1 
HETATM 391 H H4     B MBN F 6 . ? 3.28435   -11.03158 1.89040  0.329 29.40802 ? 105 MBN A H4     1 
HETATM 392 H H5     A MBN F 6 . ? 1.66374   -14.33970 -1.31489 0.671 34.56469 ? 105 MBN A H5     1 
HETATM 393 H H5     B MBN F 6 . ? 4.22898   -13.08426 1.36689  0.329 29.43227 ? 105 MBN A H5     1 
HETATM 394 H H6     A MBN F 6 . ? 0.35405   -12.53914 -0.70311 0.671 34.14493 ? 105 MBN A H6     1 
HETATM 395 H H6     B MBN F 6 . ? 3.16524   -14.50722 -0.10648 0.329 29.39397 ? 105 MBN A H6     1 
HETATM 396 C C1     A PXY G 5 . ? 2.82698   -5.26271  1.73004  0.647 20.64392 ? 106 PXY A C1     1 
HETATM 397 C C2     A PXY G 5 . ? 1.73641   -5.90406  1.14554  0.647 20.51243 ? 106 PXY A C2     1 
HETATM 398 C C3     A PXY G 5 . ? 1.85263   -7.18792  0.62001  0.647 20.87619 ? 106 PXY A C3     1 
HETATM 399 C C4     A PXY G 5 . ? 3.06894   -7.88072  0.66740  0.647 21.07847 ? 106 PXY A C4     1 
HETATM 400 C C5     A PXY G 5 . ? 4.15786   -7.22534  1.23360  0.647 20.96503 ? 106 PXY A C5     1 
HETATM 401 C C6     A PXY G 5 . ? 4.03523   -5.94782  1.76147  0.647 20.80655 ? 106 PXY A C6     1 
HETATM 402 C "C1'"  A PXY G 5 . ? 2.73078   -3.88075  2.31149  0.647 20.83820 ? 106 PXY A "C1'"  1 
HETATM 403 C "C4'"  A PXY G 5 . ? 3.22638   -9.25270  0.07808  0.647 21.53188 ? 106 PXY A "C4'"  1 
HETATM 404 H H2     A PXY G 5 . ? 0.91612   -5.46770  1.10530  0.647 24.61886 ? 106 PXY A H2     1 
HETATM 405 H H3     A PXY G 5 . ? 1.11010   -7.59114  0.23145  0.647 25.05538 ? 106 PXY A H3     1 
HETATM 406 H H5     A PXY G 5 . ? 4.98452   -7.65063  1.25942  0.647 25.16199 ? 106 PXY A H5     1 
HETATM 407 H H6     A PXY G 5 . ? 4.77925   -5.54219  2.14462  0.647 24.97180 ? 106 PXY A H6     1 
HETATM 408 H "H1'1" A PXY G 5 . ? 2.08721   -3.34177  1.82547  0.647 25.00978 ? 106 PXY A "H1'1" 1 
HETATM 409 H "H1'2" A PXY G 5 . ? 3.58689   -3.42621  2.27427  0.647 25.00978 ? 106 PXY A "H1'2" 1 
HETATM 410 H "H1'3" A PXY G 5 . ? 2.45124   -3.91152  3.23984  0.647 25.00978 ? 106 PXY A "H1'3" 1 
HETATM 411 H "H4'1" A PXY G 5 . ? 4.01273   -9.30175  -0.48773 0.647 25.84220 ? 106 PXY A "H4'1" 1 
HETATM 412 H "H4'2" A PXY G 5 . ? 3.31924   -9.92292  0.77313  0.647 25.84220 ? 106 PXY A "H4'2" 1 
HETATM 413 H "H4'3" A PXY G 5 . ? 2.45708   -9.49111  -0.46250 0.647 25.84220 ? 106 PXY A "H4'3" 1 
HETATM 414 C C      C MBN H 6 . ? -11.28298 -8.77077  0.55163  0.219 11.89937 ? 107 MBN A C      1 
HETATM 415 C C1     C MBN H 6 . ? -10.04298 -9.01219  -0.25596 0.219 11.69412 ? 107 MBN A C1     1 
HETATM 416 C C2     C MBN H 6 . ? -9.64031  -8.07159  -1.20122 0.219 11.15150 ? 107 MBN A C2     1 
HETATM 417 C C3     C MBN H 6 . ? -8.50176  -8.26093  -1.96565 0.219 10.86559 ? 107 MBN A C3     1 
HETATM 418 C C4     C MBN H 6 . ? -7.74041  -9.40947  -1.79505 0.219 10.92407 ? 107 MBN A C4     1 
HETATM 419 C C5     C MBN H 6 . ? -8.13270  -10.35685 -0.85267 0.219 11.23384 ? 107 MBN A C5     1 
HETATM 420 C C6     C MBN H 6 . ? -9.27371  -10.16122 -0.08575 0.219 11.53507 ? 107 MBN A C6     1 
HETATM 421 H H1     C MBN H 6 . ? -11.96029 -8.30679  0.03504  0.219 14.28319 ? 107 MBN A H1     1 
HETATM 422 H H2A    C MBN H 6 . ? -11.67517 -9.60257  0.86017  0.219 14.28319 ? 107 MBN A H2A    1 
HETATM 423 H H3A    C MBN H 6 . ? -11.09825 -8.23070  1.33592  0.219 14.28319 ? 107 MBN A H3A    1 
HETATM 424 H H2     C MBN H 6 . ? -10.14751 -7.30121  -1.32024 0.219 13.38575 ? 107 MBN A H2     1 
HETATM 425 H H3     C MBN H 6 . ? -8.24927  -7.62020  -2.59064 0.219 13.04265 ? 107 MBN A H3     1 
HETATM 426 H H4     C MBN H 6 . ? -6.97512  -9.54466  -2.30587 0.219 13.11283 ? 107 MBN A H4     1 
HETATM 427 H H5     C MBN H 6 . ? -7.62743  -11.12854 -0.73402 0.219 13.48455 ? 107 MBN A H5     1 
HETATM 428 H H6     C MBN H 6 . ? -9.52584  -10.79814 0.54328  0.219 13.84603 ? 107 MBN A H6     1 
HETATM 429 C CB     B PYJ I 4 . ? 15.94421  -5.59765  12.50953 0.573 21.07897 ? 108 PYJ A CB     1 
HETATM 430 C CX     B PYJ I 4 . ? 16.42192  -4.26670  13.05950 0.573 22.08738 ? 108 PYJ A CX     1 
HETATM 431 C CG     B PYJ I 4 . ? 14.86943  -5.40119  11.49452 0.573 19.27841 ? 108 PYJ A CG     1 
HETATM 432 C CD1    B PYJ I 4 . ? 15.06528  -5.56439  10.13148 0.573 18.20323 ? 108 PYJ A CD1    1 
HETATM 433 C CD2    B PYJ I 4 . ? 13.61088  -5.05559  11.96209 0.573 19.53757 ? 108 PYJ A CD2    1 
HETATM 434 C CE1    B PYJ I 4 . ? 14.00449  -5.37532  9.25777  0.573 18.85875 ? 108 PYJ A CE1    1 
HETATM 435 C CE2    B PYJ I 4 . ? 12.55809  -4.86280  11.08872 0.573 20.19003 ? 108 PYJ A CE2    1 
HETATM 436 C CZ     B PYJ I 4 . ? 12.75022  -5.02621  9.72916  0.573 19.61312 ? 108 PYJ A CZ     1 
HETATM 437 H HCB1   B PYJ I 4 . ? 16.69108  -6.07366  12.11391 0.573 25.29871 ? 108 PYJ A HCB1   1 
HETATM 438 H HCB2   B PYJ I 4 . ? 15.61756  -6.15183  13.23554 0.573 25.29871 ? 108 PYJ A HCB2   1 
HETATM 439 H HCX1   B PYJ I 4 . ? 17.23033  -4.37913  13.58365 0.573 26.50880 ? 108 PYJ A HCX1   1 
HETATM 440 H HCX2   B PYJ I 4 . ? 16.61454  -3.64452  12.34069 0.573 26.50880 ? 108 PYJ A HCX2   1 
HETATM 441 H HCX3   B PYJ I 4 . ? 15.74757  -3.86622  13.63027 0.573 26.50880 ? 108 PYJ A HCX3   1 
HETATM 442 H HCD1   B PYJ I 4 . ? 15.90410  -5.79945  9.80586  0.573 21.84783 ? 108 PYJ A HCD1   1 
HETATM 443 H HCD2   B PYJ I 4 . ? 13.47508  -4.95251  12.87634 0.573 23.44903 ? 108 PYJ A HCD2   1 
HETATM 444 H HCE1   B PYJ I 4 . ? 14.13902  -5.48480  8.34409  0.573 22.63444 ? 108 PYJ A HCE1   1 
HETATM 445 H HCE2   B PYJ I 4 . ? 11.72134  -4.62329  11.41640 0.573 24.23198 ? 108 PYJ A HCE2   1 
HETATM 446 H HCZ1   B PYJ I 4 . ? 12.04377  -4.90282  9.13704  0.573 23.53969 ? 108 PYJ A HCZ1   1 
HETATM 447 O O      B HOH J 7 . ? 16.73978  0.01281   2.09527  0.498 15.17761 ? 201 HOH A O      1 
# 
loop_
_atom_site_anisotrop.id 
_atom_site_anisotrop.type_symbol 
_atom_site_anisotrop.pdbx_label_atom_id 
_atom_site_anisotrop.pdbx_label_alt_id 
_atom_site_anisotrop.pdbx_label_comp_id 
_atom_site_anisotrop.pdbx_label_asym_id 
_atom_site_anisotrop.pdbx_label_seq_id 
_atom_site_anisotrop.pdbx_PDB_ins_code 
_atom_site_anisotrop.U[1][1] 
_atom_site_anisotrop.U[2][2] 
_atom_site_anisotrop.U[3][3] 
_atom_site_anisotrop.U[1][2] 
_atom_site_anisotrop.U[1][3] 
_atom_site_anisotrop.U[2][3] 
_atom_site_anisotrop.pdbx_auth_seq_id 
_atom_site_anisotrop.pdbx_auth_comp_id 
_atom_site_anisotrop.pdbx_auth_asym_id 
_atom_site_anisotrop.pdbx_auth_atom_id 
1   N N     A LEU A 1 ? 0.07269 0.09670 0.07959 -0.01111 0.00461  -0.00920 2   LEU A N     
2   N N     B LEU A 1 ? 0.09483 0.10019 0.07177 -0.01573 -0.00961 0.00009  2   LEU A N     
3   C CA    A LEU A 1 ? 0.07276 0.08783 0.08059 -0.00591 0.01194  -0.01080 2   LEU A CA    
4   C CA    B LEU A 1 ? 0.08932 0.09756 0.08345 -0.00519 0.00596  0.00396  2   LEU A CA    
5   C C     A LEU A 1 ? 0.06725 0.08331 0.07812 -0.00904 0.01458  0.00228  2   LEU A C     
6   C C     B LEU A 1 ? 0.08084 0.09181 0.08933 -0.00413 0.01292  0.00366  2   LEU A C     
7   O O     A LEU A 1 ? 0.07237 0.09362 0.07666 0.00132  0.01799  0.00328  2   LEU A O     
8   O O     B LEU A 1 ? 0.07882 0.09373 0.10150 -0.00399 0.01530  0.00651  2   LEU A O     
9   C CB    A LEU A 1 ? 0.08362 0.08756 0.08448 -0.00602 0.00838  -0.00673 2   LEU A CB    
10  C CB    B LEU A 1 ? 0.09148 0.10534 0.08714 -0.00361 0.00600  0.01597  2   LEU A CB    
11  C CG    A LEU A 1 ? 0.10112 0.09336 0.09889 -0.00237 0.00115  0.00211  2   LEU A CG    
12  C CG    B LEU A 1 ? 0.08708 0.12035 0.11961 0.00269  0.00991  0.01114  2   LEU A CG    
13  C CD1   A LEU A 1 ? 0.10582 0.09964 0.11272 0.00961  0.00068  0.00366  2   LEU A CD1   
14  C CD1   B LEU A 1 ? 0.09152 0.13059 0.11993 0.00688  0.00827  -0.00076 2   LEU A CD1   
15  C CD2   A LEU A 1 ? 0.11395 0.10344 0.11316 0.00454  -0.00677 0.00157  2   LEU A CD2   
16  C CD2   B LEU A 1 ? 0.08679 0.12052 0.13138 0.00093  0.00494  0.01939  2   LEU A CD2   
39  N N     . AIB A 2 ? 0.07030 0.08897 0.07842 -0.00852 0.01463  -0.00093 3   AIB A N     
40  C CA    . AIB A 2 ? 0.07353 0.10154 0.06893 -0.01325 0.01157  -0.00324 3   AIB A CA    
41  C C     . AIB A 2 ? 0.07208 0.08901 0.07698 -0.00873 0.01163  0.00380  3   AIB A C     
42  O O     . AIB A 2 ? 0.08293 0.09721 0.07644 -0.01221 0.01596  0.00148  3   AIB A O     
43  C CB1   . AIB A 2 ? 0.07691 0.13100 0.06598 -0.01814 0.00030  0.00983  3   AIB A CB1   
44  C CB2   . AIB A 2 ? 0.08786 0.09320 0.08047 -0.01289 0.01446  -0.01047 3   AIB A CB2   
52  N N     . ALA A 3 ? 0.07525 0.10188 0.07995 0.00305  0.00711  0.00802  4   ALA A N     
53  C CA    . ALA A 3 ? 0.08606 0.12139 0.09348 0.02091  0.01132  0.02863  4   ALA A CA    
54  C C     . ALA A 3 ? 0.08410 0.12625 0.07665 0.01481  0.00095  0.01876  4   ALA A C     
55  O O     . ALA A 3 ? 0.09551 0.13732 0.07881 0.01027  0.00661  0.02512  4   ALA A O     
56  C CB    . ALA A 3 ? 0.09334 0.16325 0.11683 0.03395  -0.00067 0.03857  4   ALA A CB    
62  N N     . AIB A 4 ? 0.08189 0.13847 0.06689 -0.00103 0.00445  0.00172  5   AIB A N     
63  C CA    . AIB A 4 ? 0.09353 0.14506 0.06646 -0.00301 0.00927  -0.01164 5   AIB A CA    
64  C C     . AIB A 4 ? 0.08714 0.09557 0.06845 -0.00060 0.00945  0.00227  5   AIB A C     
65  O O     . AIB A 4 ? 0.09310 0.10796 0.07103 -0.00630 0.01515  0.00368  5   AIB A O     
66  C CB1   . AIB A 4 ? 0.09622 0.20401 0.08024 -0.00392 0.00417  -0.01163 5   AIB A CB1   
67  C CB2   . AIB A 4 ? 0.09843 0.12607 0.10346 -0.01194 0.02019  -0.02881 5   AIB A CB2   
75  N N     A LEU A 5 ? 0.07741 0.08462 0.06444 -0.00040 0.01109  0.00398  6   LEU A N     
76  N N     B LEU A 5 ? 0.08457 0.09609 0.07077 0.00425  0.01190  -0.00115 6   LEU A N     
77  C CA    A LEU A 5 ? 0.07074 0.08331 0.06962 0.00296  0.00681  0.00742  6   LEU A CA    
78  C CA    B LEU A 5 ? 0.08324 0.09716 0.07692 0.00692  0.01100  0.00444  6   LEU A CA    
79  C C     A LEU A 5 ? 0.07868 0.08643 0.06648 -0.00623 0.00226  0.00851  6   LEU A C     
80  C C     B LEU A 5 ? 0.08950 0.09371 0.08174 0.00016  0.00754  0.00928  6   LEU A C     
81  O O     A LEU A 5 ? 0.07442 0.09782 0.07303 -0.00643 0.00034  0.01292  6   LEU A O     
82  O O     B LEU A 5 ? 0.09363 0.09790 0.08892 -0.00285 0.00085  0.01594  6   LEU A O     
83  C CB    A LEU A 5 ? 0.06990 0.08852 0.07236 0.00220  0.00009  0.00873  6   LEU A CB    
84  C CB    B LEU A 5 ? 0.08023 0.10832 0.08044 0.01107  0.01117  0.00690  6   LEU A CB    
85  C CG    A LEU A 5 ? 0.07675 0.09335 0.09058 0.01023  -0.00088 0.01723  6   LEU A CG    
86  C CG    B LEU A 5 ? 0.07467 0.11029 0.10440 0.01589  0.01471  0.01107  6   LEU A CG    
87  C CD1   A LEU A 5 ? 0.08368 0.11015 0.10275 0.01635  -0.00636 0.02986  6   LEU A CD1   
88  C CD1   B LEU A 5 ? 0.07847 0.10466 0.12844 0.01232  0.00643  0.00741  6   LEU A CD1   
89  C CD2   A LEU A 5 ? 0.08251 0.10172 0.10297 0.02291  0.00176  0.00941  6   LEU A CD2   
90  C CD2   B LEU A 5 ? 0.07241 0.12167 0.11608 0.01680  0.01461  0.01799  6   LEU A CD2   
113 N N     . AIB A 6 ? 0.08898 0.08583 0.08295 0.00189  0.02039  0.00666  7   AIB A N     
114 C CA    . AIB A 6 ? 0.10567 0.09389 0.08388 0.00359  0.02789  -0.00513 7   AIB A CA    
115 C C     . AIB A 6 ? 0.08369 0.07324 0.08182 0.00137  0.02118  0.00082  7   AIB A C     
116 O O     . AIB A 6 ? 0.09014 0.07664 0.08881 0.00526  0.02140  -0.00326 7   AIB A O     
117 C CB1   . AIB A 6 ? 0.14124 0.11980 0.07669 -0.00754 0.00779  -0.00481 7   AIB A CB1   
118 C CB2   . AIB A 6 ? 0.11491 0.09562 0.10668 0.01563  0.04545  0.00336  7   AIB A CB2   
126 N N     . GLN A 7 ? 0.07645 0.07834 0.07315 0.00200  0.01649  -0.00059 8   GLN A N     
127 C CA    . GLN A 7 ? 0.07102 0.07267 0.07799 0.00239  0.00757  0.00487  8   GLN A CA    
128 C C     . GLN A 7 ? 0.06882 0.06715 0.07600 -0.00156 0.00496  -0.00459 8   GLN A C     
129 O O     . GLN A 7 ? 0.07781 0.08077 0.07686 -0.01099 0.00086  0.00158  8   GLN A O     
130 C CB    . GLN A 7 ? 0.06602 0.07752 0.07714 -0.00508 0.00626  0.00396  8   GLN A CB    
131 C CG    . GLN A 7 ? 0.07664 0.07522 0.07362 0.00041  0.00222  0.00137  8   GLN A CG    
132 C CD    . GLN A 7 ? 0.07406 0.07502 0.06937 -0.00520 0.01598  0.00166  8   GLN A CD    
133 O OE1   . GLN A 7 ? 0.07086 0.09141 0.07725 -0.00793 0.00502  -0.00013 8   GLN A OE1   
134 N NE2   . GLN A 7 ? 0.11542 0.07872 0.07213 0.00153  0.01293  -0.00581 8   GLN A NE2   
143 N N     . AIB A 8 ? 0.06575 0.07222 0.08218 0.00367  0.00295  -0.00899 9   AIB A N     
144 C CA    . AIB A 8 ? 0.07428 0.08287 0.09185 0.00737  0.00213  -0.00838 9   AIB A CA    
145 C C     . AIB A 8 ? 0.07256 0.08342 0.08609 0.00157  -0.00629 -0.00815 9   AIB A C     
146 O O     . AIB A 8 ? 0.07381 0.10201 0.11845 -0.00425 -0.00499 -0.01760 9   AIB A O     
147 C CB1   . AIB A 8 ? 0.07377 0.10540 0.11073 -0.00081 0.01383  -0.02321 9   AIB A CB1   
148 C CB2   . AIB A 8 ? 0.07928 0.10294 0.12128 0.02600  -0.01039 -0.00691 9   AIB A CB2   
156 N N     A LEU A 9 ? 0.07898 0.07656 0.07608 0.00935  -0.00444 -0.00568 10  LEU A N     
157 N N     B LEU A 9 ? 0.08689 0.08026 0.08968 0.01296  -0.01261 -0.00733 10  LEU A N     
158 C CA    A LEU A 9 ? 0.07656 0.08165 0.08445 0.00714  -0.00564 -0.00482 10  LEU A CA    
159 C CA    B LEU A 9 ? 0.09293 0.08497 0.09266 0.01203  -0.02120 -0.00547 10  LEU A CA    
160 C C     A LEU A 9 ? 0.07311 0.06880 0.09299 0.00048  -0.00805 -0.00027 10  LEU A C     
161 C C     B LEU A 9 ? 0.09052 0.08172 0.09006 -0.00153 -0.02119 0.00330  10  LEU A C     
162 O O     A LEU A 9 ? 0.08139 0.08997 0.10219 0.01524  -0.01424 -0.01330 10  LEU A O     
163 O O     B LEU A 9 ? 0.08853 0.07210 0.10138 -0.00562 -0.01829 0.00379  10  LEU A O     
164 C CB    A LEU A 9 ? 0.08010 0.08814 0.08613 -0.00201 -0.00707 -0.01734 10  LEU A CB    
165 C CB    B LEU A 9 ? 0.09340 0.08635 0.08862 0.01115  -0.02027 -0.00082 10  LEU A CB    
166 C CG    A LEU A 9 ? 0.09550 0.09107 0.08321 0.00541  -0.00476 -0.01232 10  LEU A CG    
167 C CG    B LEU A 9 ? 0.09652 0.08489 0.08343 0.00797  -0.02146 0.00964  10  LEU A CG    
168 C CD1   A LEU A 9 ? 0.11130 0.09691 0.09654 0.00915  -0.00774 -0.00888 10  LEU A CD1   
169 C CD1   B LEU A 9 ? 0.10383 0.10702 0.08846 0.01116  -0.02727 0.00985  10  LEU A CD1   
170 C CD2   A LEU A 9 ? 0.09305 0.09460 0.11661 0.00328  -0.00744 -0.00520 10  LEU A CD2   
171 C CD2   B LEU A 9 ? 0.09443 0.08579 0.09491 0.00532  -0.02551 0.01995  10  LEU A CD2   
194 C C11   A I77 B . ? 0.08505 0.09406 0.10587 0.01231  -0.01640 0.00257  101 I77 A C11   
195 C C11   B I77 B . ? 0.08516 0.14427 0.10927 0.01424  -0.00771 0.00401  101 I77 A C11   
196 C C12   A I77 B . ? 0.07401 0.07508 0.10628 0.00640  -0.01135 0.00285  101 I77 A C12   
197 C C12   B I77 B . ? 0.08423 0.11464 0.10246 0.00653  -0.00967 0.00798  101 I77 A C12   
198 C C13   A I77 B . ? 0.06695 0.07458 0.11472 -0.00069 -0.01175 0.01178  101 I77 A C13   
199 C C13   B I77 B . ? 0.09121 0.11509 0.10290 0.00949  -0.01729 0.00143  101 I77 A C13   
200 C C17   A I77 B . ? 0.07286 0.08093 0.09461 -0.00026 -0.01635 0.00225  101 I77 A C17   
201 C C17   B I77 B . ? 0.08326 0.10761 0.08978 0.01158  -0.00374 0.00546  101 I77 A C17   
202 C C18   A I77 B . ? 0.06486 0.07001 0.09590 0.00278  -0.01211 0.00083  101 I77 A C18   
203 C C18   B I77 B . ? 0.07892 0.11033 0.07968 0.01884  0.00386  0.01003  101 I77 A C18   
204 C C02   A I77 B . ? 0.06920 0.07432 0.10143 0.00270  -0.00639 0.00596  101 I77 A C02   
205 C C02   B I77 B . ? 0.06613 0.12506 0.08560 0.01913  -0.01620 -0.01856 101 I77 A C02   
206 C C03   A I77 B . ? 0.06781 0.07210 0.08640 0.00372  -0.01003 -0.00382 101 I77 A C03   
207 C C03   B I77 B . ? 0.07017 0.14602 0.11116 0.01579  -0.00936 -0.00010 101 I77 A C03   
208 C C04   A I77 B . ? 0.06546 0.10353 0.09459 0.01105  -0.00849 0.00055  101 I77 A C04   
209 C C04   B I77 B . ? 0.07582 0.16087 0.12253 0.01884  -0.00815 0.00857  101 I77 A C04   
210 C C05   A I77 B . ? 0.06565 0.10116 0.09440 0.01386  -0.01392 -0.00131 101 I77 A C05   
211 C C05   B I77 B . ? 0.07747 0.15265 0.11358 0.02018  -0.00783 0.01170  101 I77 A C05   
212 C C06   A I77 B . ? 0.06518 0.09024 0.09082 0.00503  -0.00859 -0.01251 101 I77 A C06   
213 C C06   B I77 B . ? 0.07406 0.13994 0.11888 0.01488  -0.00939 0.01140  101 I77 A C06   
214 C C08   A I77 B . ? 0.06567 0.07402 0.10703 0.00853  -0.01307 -0.00017 101 I77 A C08   
215 C C08   B I77 B . ? 0.07207 0.13432 0.10239 0.01456  -0.00393 0.00778  101 I77 A C08   
216 C C09   A I77 B . ? 0.06673 0.07783 0.10257 0.00734  -0.01020 -0.00209 101 I77 A C09   
217 C C09   B I77 B . ? 0.07163 0.12657 0.09632 0.01625  0.00659  0.01012  101 I77 A C09   
218 N N01   A I77 B . ? 0.07387 0.09640 0.10924 0.00646  0.00280  0.01216  101 I77 A N01   
219 N N01   B I77 B . ? 0.06000 0.12062 0.09456 0.01851  -0.02370 -0.00714 101 I77 A N01   
220 N N07   A I77 B . ? 0.07319 0.09243 0.10102 0.00867  -0.00975 -0.01036 101 I77 A N07   
221 N N07   B I77 B . ? 0.07830 0.13704 0.11652 0.01124  -0.00972 0.02012  101 I77 A N07   
222 N N10   A I77 B . ? 0.08311 0.10405 0.11675 0.01466  -0.01406 0.00654  101 I77 A N10   
223 N N10   B I77 B . ? 0.08086 0.14296 0.10750 0.02131  0.00267  0.00632  101 I77 A N10   
224 N N14   A I77 B . ? 0.07412 0.06747 0.11969 -0.00088 -0.01850 0.02955  101 I77 A N14   
225 N N14   B I77 B . ? 0.08579 0.09667 0.09600 -0.00013 -0.02317 0.00473  101 I77 A N14   
226 N N15   A I77 B . ? 0.07689 0.07569 0.09329 0.00073  -0.01675 0.01247  101 I77 A N15   
227 N N15   B I77 B . ? 0.08222 0.07871 0.09751 -0.00654 -0.02040 0.01204  101 I77 A N15   
228 O O16   A I77 B . ? 0.07613 0.09999 0.13679 0.00326  -0.01749 0.02474  101 I77 A O16   
229 O O16   B I77 B . ? 0.10871 0.14126 0.10959 0.03020  -0.01706 -0.00700 101 I77 A O16   
230 O O19   A I77 B . ? 0.07107 0.09467 0.09553 0.00434  -0.00897 -0.00349 101 I77 A O19   
231 O O19   B I77 B . ? 0.06272 0.11367 0.09489 0.00879  -0.01430 -0.01064 101 I77 A O19   
252 C C05   A I6W C . ? 0.07755 0.13134 0.09362 -0.00014 -0.01058 0.01360  102 I6W A C05   
253 C C05   B I6W C . ? 0.10363 0.11673 0.13163 -0.01154 -0.01445 -0.01449 102 I6W A C05   
254 C C08   A I6W C . ? 0.08136 0.09507 0.10123 -0.00249 -0.01061 0.00200  102 I6W A C08   
255 C C08   B I6W C . ? 0.10108 0.10466 0.15800 -0.01254 -0.01591 -0.01271 102 I6W A C08   
256 C C09   A I6W C . ? 0.07970 0.10023 0.09986 0.00100  -0.00665 -0.00852 102 I6W A C09   
257 C C09   B I6W C . ? 0.10686 0.10879 0.18462 -0.00644 -0.02903 -0.01874 102 I6W A C09   
258 N N10   A I6W C . ? 0.08390 0.13460 0.11613 0.00227  -0.01256 -0.00196 102 I6W A N10   
259 N N10   B I6W C . ? 0.11399 0.11115 0.20091 -0.00185 -0.03432 -0.01852 102 I6W A N10   
260 C C02   A I6W C . ? 0.07522 0.08847 0.07462 -0.01002 -0.00590 0.00508  102 I6W A C02   
261 C C02   B I6W C . ? 0.09612 0.10977 0.08993 -0.01814 -0.01114 -0.00662 102 I6W A C02   
262 C C03   A I6W C . ? 0.08117 0.10167 0.08161 -0.00150 -0.01420 0.01017  102 I6W A C03   
263 C C03   B I6W C . ? 0.09284 0.10248 0.12310 -0.01752 -0.00571 -0.00786 102 I6W A C03   
264 C C04   A I6W C . ? 0.08414 0.13030 0.09320 0.00160  -0.01769 0.01359  102 I6W A C04   
265 C C04   B I6W C . ? 0.10194 0.11650 0.13036 -0.01278 -0.01210 -0.01714 102 I6W A C04   
266 C C06   A I6W C . ? 0.08407 0.08088 0.08967 0.00602  -0.01154 0.00155  102 I6W A C06   
267 C C06   B I6W C . ? 0.09083 0.11145 0.13073 -0.01395 -0.00124 -0.00876 102 I6W A C06   
268 C C11   A I6W C . ? 0.08151 0.12574 0.12302 0.00306  -0.01265 -0.00790 102 I6W A C11   
269 C C11   B I6W C . ? 0.11594 0.11030 0.20696 0.00257  -0.04169 -0.02820 102 I6W A C11   
270 C C12   A I6W C . ? 0.08456 0.08824 0.11376 0.00362  -0.01494 -0.01252 102 I6W A C12   
271 C C12   B I6W C . ? 0.11825 0.11530 0.21449 0.00838  -0.04596 -0.02866 102 I6W A C12   
272 C C13   A I6W C . ? 0.08291 0.09473 0.11283 0.00297  -0.01290 -0.00600 102 I6W A C13   
273 C C13   B I6W C . ? 0.12123 0.12447 0.23971 0.01506  -0.05635 -0.03390 102 I6W A C13   
274 C C15   A I6W C . ? 0.07863 0.10573 0.13250 0.00287  -0.01440 -0.01269 102 I6W A C15   
275 C C15   B I6W C . ? 0.11189 0.16052 0.26265 0.01193  -0.06497 -0.05053 102 I6W A C15   
276 C C16   A I6W C . ? 0.09232 0.12741 0.12040 0.01066  -0.01500 -0.01725 102 I6W A C16   
277 C C16   B I6W C . ? 0.11085 0.17610 0.27022 0.00932  -0.06624 -0.05200 102 I6W A C16   
278 C C18   A I6W C . ? 0.07702 0.08112 0.11599 0.00659  -0.00422 -0.01084 102 I6W A C18   
279 C C18   B I6W C . ? 0.11461 0.11392 0.20095 -0.00072 -0.04247 -0.02136 102 I6W A C18   
280 C C19   A I6W C . ? 0.07880 0.08406 0.10146 0.00460  -0.00163 -0.00814 102 I6W A C19   
281 C C19   B I6W C . ? 0.10649 0.10977 0.19667 -0.00755 -0.03502 -0.01767 102 I6W A C19   
282 N N07   A I6W C . ? 0.08634 0.08922 0.10939 0.00550  -0.00845 0.00106  102 I6W A N07   
283 N N07   B I6W C . ? 0.09624 0.11224 0.15285 -0.00873 -0.00562 -0.01096 102 I6W A N07   
284 O O01   A I6W C . ? 0.07355 0.10762 0.08243 -0.01161 -0.00588 0.00956  102 I6W A O01   
285 O O01   B I6W C . ? 0.09669 0.10806 0.11466 -0.02071 -0.01148 0.01408  102 I6W A O01   
286 O O14   A I6W C . ? 0.08665 0.10074 0.12820 0.00670  -0.01555 -0.00516 102 I6W A O14   
287 O O14   B I6W C . ? 0.11585 0.14397 0.25277 0.01773  -0.06097 -0.04189 102 I6W A O14   
288 O O17   A I6W C . ? 0.08811 0.13481 0.12196 0.01376  -0.01548 0.00226  102 I6W A O17   
289 O O17   B I6W C . ? 0.12982 0.13321 0.24290 0.02266  -0.05730 -0.03323 102 I6W A O17   
312 C CB    A PYJ D . ? 0.11003 0.14892 0.12773 -0.00539 -0.00968 0.02319  103 PYJ A CB    
313 C CB    B PYJ D . ? 0.37759 0.25451 0.36783 -0.01846 0.01416  0.11552  103 PYJ A CB    
314 C CX    A PYJ D . ? 0.10800 0.15452 0.13434 -0.01523 -0.00625 0.02681  103 PYJ A CX    
315 C CX    B PYJ D . ? 0.37621 0.26182 0.37558 -0.01746 0.01375  0.11016  103 PYJ A CX    
316 C CG    A PYJ D . ? 0.10477 0.13754 0.11522 -0.00292 -0.01078 0.01594  103 PYJ A CG    
317 C CG    B PYJ D . ? 0.37966 0.24571 0.35527 -0.02021 0.01535  0.12562  103 PYJ A CG    
318 C CD1   A PYJ D . ? 0.09545 0.15002 0.12774 0.00822  -0.01053 0.00162  103 PYJ A CD1   
319 C CD1   B PYJ D . ? 0.38099 0.24294 0.35019 -0.01930 0.01593  0.12845  103 PYJ A CD1   
320 C CD2   A PYJ D . ? 0.09466 0.10930 0.12823 -0.00317 -0.00355 0.01972  103 PYJ A CD2   
321 C CD2   B PYJ D . ? 0.38093 0.23899 0.34893 -0.02237 0.01560  0.13249  103 PYJ A CD2   
322 C CE1   A PYJ D . ? 0.10047 0.12970 0.13083 0.00329  -0.01458 0.01006  103 PYJ A CE1   
323 C CE1   B PYJ D . ? 0.38099 0.24142 0.34439 -0.02075 0.01643  0.13187  103 PYJ A CE1   
324 C CE2   A PYJ D . ? 0.08622 0.11259 0.12450 0.00548  -0.00169 -0.00087 103 PYJ A CE2   
325 C CE2   B PYJ D . ? 0.38074 0.23813 0.34294 -0.02363 0.01626  0.13485  103 PYJ A CE2   
326 C CZ    A PYJ D . ? 0.09598 0.12338 0.12727 -0.00182 -0.01568 0.00242  103 PYJ A CZ    
327 C CZ    B PYJ D . ? 0.38036 0.23926 0.34256 -0.02343 0.01658  0.13363  103 PYJ A CZ    
348 C C1    A PXY E . ? 0.43230 0.19558 0.27636 -0.05249 -0.03431 -0.00524 104 PXY A C1    
349 C C2    A PXY E . ? 0.43293 0.19334 0.27469 -0.05235 -0.03340 -0.00483 104 PXY A C2    
350 C C3    A PXY E . ? 0.43461 0.19433 0.26676 -0.05049 -0.03241 -0.00491 104 PXY A C3    
351 C C4    A PXY E . ? 0.43514 0.19437 0.26237 -0.04998 -0.03144 -0.00479 104 PXY A C4    
352 C C5    A PXY E . ? 0.43467 0.19490 0.26516 -0.05164 -0.03350 -0.00486 104 PXY A C5    
353 C C6    A PXY E . ? 0.43346 0.19765 0.27101 -0.05181 -0.03446 -0.00609 104 PXY A C6    
354 C "C1'" A PXY E . ? 0.43190 0.19893 0.28282 -0.05139 -0.03448 -0.00433 104 PXY A "C1'" 
355 C "C4'" A PXY E . ? 0.43648 0.19795 0.26065 -0.04777 -0.03021 -0.00344 104 PXY A "C4'" 
366 C C     A MBN F . ? 0.30309 0.35830 0.38643 -0.15023 0.01428  0.11374  105 MBN A C     
367 C C     B MBN F . ? 0.20192 0.30318 0.41355 -0.03311 0.00141  -0.01103 105 MBN A C     
368 C C1    A MBN F . ? 0.30537 0.36953 0.38948 -0.14374 0.01327  0.10702  105 MBN A C1    
369 C C1    B MBN F . ? 0.20552 0.30569 0.41376 -0.03048 0.00019  -0.01137 105 MBN A C1    
370 C C2    A MBN F . ? 0.30425 0.37348 0.39012 -0.14330 0.01372  0.10613  105 MBN A C2    
371 C C2    B MBN F . ? 0.20572 0.30365 0.41291 -0.03109 -0.00034 -0.01079 105 MBN A C2    
372 C C3    A MBN F . ? 0.30585 0.38869 0.38837 -0.13645 0.01355  0.09752  105 MBN A C3    
373 C C3    B MBN F . ? 0.20693 0.30608 0.41431 -0.02939 -0.00104 -0.01206 105 MBN A C3    
374 C C4    A MBN F . ? 0.30891 0.39888 0.38776 -0.12970 0.01301  0.09141  105 MBN A C4    
375 C C4    B MBN F . ? 0.20768 0.30746 0.41589 -0.02862 -0.00130 -0.01227 105 MBN A C4    
376 C C5    A MBN F . ? 0.31005 0.39806 0.38618 -0.12842 0.01330  0.09193  105 MBN A C5    
377 C C5    B MBN F . ? 0.20759 0.30729 0.41690 -0.02898 -0.00117 -0.01128 105 MBN A C5    
378 C C6    A MBN F . ? 0.30834 0.38591 0.38674 -0.13463 0.01285  0.09773  105 MBN A C6    
379 C C6    B MBN F . ? 0.20690 0.30768 0.41599 -0.02950 -0.00062 -0.01157 105 MBN A C6    
396 C C1    A PXY G . ? 0.28142 0.23163 0.27132 0.04472  0.05692  0.02725  106 PXY A C1    
397 C C2    A PXY G . ? 0.28142 0.23028 0.26768 0.04783  0.06003  0.02744  106 PXY A C2    
398 C C3    A PXY G . ? 0.28035 0.23611 0.27674 0.04748  0.05863  0.01993  106 PXY A C3    
399 C C4    A PXY G . ? 0.28060 0.23428 0.28600 0.04769  0.05686  0.01672  106 PXY A C4    
400 C C5    A PXY G . ? 0.28046 0.23410 0.28202 0.04609  0.05727  0.02228  106 PXY A C5    
401 C C6    A PXY G . ? 0.28048 0.23265 0.27744 0.04493  0.05632  0.02299  106 PXY A C6    
402 C "C1'" A PXY G . ? 0.28098 0.23453 0.27624 0.04365  0.05505  0.02882  106 PXY A "C1'" 
403 C "C4'" A PXY G . ? 0.28059 0.24022 0.29731 0.04798  0.05398  0.01151  106 PXY A "C4'" 
414 C C     C MBN H . ? 0.15153 0.12279 0.17780 0.04318  0.02357  0.05290  107 MBN A C     
415 C C1    C MBN H . ? 0.14924 0.11986 0.17523 0.04574  0.02659  0.04831  107 MBN A C1    
416 C C2    C MBN H . ? 0.14642 0.10880 0.16849 0.04806  0.02849  0.04676  107 MBN A C2    
417 C C3    C MBN H . ? 0.14521 0.09793 0.16970 0.05192  0.02863  0.04096  107 MBN A C3    
418 C C4    C MBN H . ? 0.14451 0.09252 0.17804 0.05422  0.03044  0.03721  107 MBN A C4    
419 C C5    C MBN H . ? 0.14829 0.09426 0.18427 0.05459  0.02779  0.03943  107 MBN A C5    
420 C C6    C MBN H . ? 0.15163 0.10821 0.17844 0.04758  0.02655  0.05000  107 MBN A C6    
429 C CB    B PYJ I . ? 0.37000 0.14069 0.29021 -0.02422 0.03728  0.02347  108 PYJ A CB    
430 C CX    B PYJ I . ? 0.36828 0.15408 0.31685 -0.02574 0.03533  0.02595  108 PYJ A CX    
431 C CG    B PYJ I . ? 0.36864 0.10600 0.25785 -0.02862 0.04102  0.02907  108 PYJ A CG    
432 C CD1   B PYJ I . ? 0.33937 0.10041 0.25185 -0.03499 0.03703  0.02738  108 PYJ A CD1   
433 C CD2   B PYJ I . ? 0.36915 0.12084 0.25236 -0.02410 0.04232  0.02725  108 PYJ A CD2   
434 C CE1   B PYJ I . ? 0.34792 0.10045 0.26816 -0.03735 0.03546  0.02083  108 PYJ A CE1   
435 C CE2   B PYJ I . ? 0.36046 0.12358 0.28309 -0.03196 0.03917  0.02129  108 PYJ A CE2   
436 C CZ    B PYJ I . ? 0.35200 0.10131 0.29189 -0.03938 0.03539  0.01635  108 PYJ A CZ    
447 O O     B HOH J . ? 0.26423 0.12344 0.18900 -0.04892 -0.05654 0.01773  201 HOH A O     
# 
